data_6UXZ
#
_entry.id   6UXZ
#
_cell.length_a   152.650
_cell.length_b   152.650
_cell.length_c   69.160
_cell.angle_alpha   90.000
_cell.angle_beta   90.000
_cell.angle_gamma   90.000
#
_symmetry.space_group_name_H-M   'P 41 21 2'
#
loop_
_entity.id
_entity.type
_entity.pdbx_description
1 polymer 'HTH-type transcriptional regulatory protein GabR'
2 non-polymer 'SULFATE ION'
3 non-polymer '(4S)-4-[(E)-({3-hydroxy-2-methyl-5-[(phosphonooxy)methyl]pyridin-4-yl}methylidene)amino]-5-phenoxypentanoic acid'
#
_entity_poly.entity_id   1
_entity_poly.type   'polypeptide(L)'
_entity_poly.pdbx_seq_one_letter_code
;SDWISFSHMSSDTDHFPIKSWFRCEQKAASRSYATLGDMSHPQGIYEVRAAITRLISLTRGVKCRPEQMIIGAGTQVLMQ
LLTELLPKEAVYAMEEPGYRRMYQLLKNAGKQVKTIMLDEKGMSIAEITRQQPDVLVTTPSHQFPSGTIMPVSRRIQLLN
WANEEPRRYIIEDDYDSEFTYDVESIPALQSLDRFQNVIYMGTFSKSLLPGLRISYMVLPPELLRAYKQRGYDLQTCSSL
TQLTLQEFIESGEYQKHIKKMKQHYKEKRERLITALEAEFSGEVTVKGANAGLHFVTEFDTRRTEQDILSHAAGLQLEIF
GMSRFNLKENKRQTGRPTLIIGFARLKEEDIQEGVQRLFKAVYG
;
_entity_poly.pdbx_strand_id   B,C
#
loop_
_chem_comp.id
_chem_comp.type
_chem_comp.name
_chem_comp.formula
QL4 non-polymer '(4S)-4-[(E)-({3-hydroxy-2-methyl-5-[(phosphonooxy)methyl]pyridin-4-yl}methylidene)amino]-5-phenoxypentanoic acid' 'C19 H23 N2 O8 P'
SO4 non-polymer 'SULFATE ION' 'O4 S -2'
#
# COMPACT_ATOMS: atom_id res chain seq x y z
N ASP A 2 -21.83 23.45 -15.74
CA ASP A 2 -20.89 22.41 -15.27
C ASP A 2 -21.39 21.90 -13.92
N TRP A 3 -20.68 20.91 -13.36
CA TRP A 3 -21.12 20.21 -12.15
C TRP A 3 -20.86 20.99 -10.86
N ILE A 4 -21.59 20.60 -9.82
CA ILE A 4 -21.43 21.07 -8.43
C ILE A 4 -21.49 19.80 -7.56
N SER A 5 -20.45 19.57 -6.74
CA SER A 5 -20.31 18.31 -6.01
C SER A 5 -20.73 18.49 -4.54
N PHE A 6 -21.61 17.59 -4.06
CA PHE A 6 -21.82 17.31 -2.61
C PHE A 6 -21.25 15.95 -2.20
N SER A 7 -20.28 15.44 -2.98
CA SER A 7 -19.60 14.18 -2.69
C SER A 7 -18.89 14.31 -1.36
N HIS A 8 -19.12 13.36 -0.46
CA HIS A 8 -18.25 13.20 0.72
C HIS A 8 -16.87 12.59 0.33
N MET A 9 -16.80 11.93 -0.82
CA MET A 9 -15.57 11.32 -1.33
C MET A 9 -14.57 12.30 -2.00
N SER A 10 -14.68 13.61 -1.72
CA SER A 10 -13.86 14.63 -2.41
C SER A 10 -13.34 15.68 -1.41
N SER A 11 -12.40 16.53 -1.86
CA SER A 11 -11.71 17.47 -0.94
C SER A 11 -11.04 18.72 -1.56
N ASP A 12 -10.48 19.55 -0.67
CA ASP A 12 -9.97 20.90 -0.97
C ASP A 12 -9.41 21.18 -2.36
N THR A 13 -8.19 20.68 -2.62
CA THR A 13 -7.28 21.19 -3.66
C THR A 13 -6.95 22.69 -3.52
N ASP A 14 -7.91 23.56 -3.82
CA ASP A 14 -7.76 25.02 -3.62
C ASP A 14 -7.16 25.35 -2.26
N HIS A 15 -7.75 24.77 -1.22
CA HIS A 15 -7.30 24.98 0.15
C HIS A 15 -6.49 23.80 0.70
N PHE A 16 -5.34 23.60 0.07
CA PHE A 16 -4.29 22.71 0.55
C PHE A 16 -2.95 23.24 0.10
N PRO A 17 -2.03 23.51 1.05
CA PRO A 17 -0.81 24.27 0.81
C PRO A 17 0.23 23.51 0.00
N ILE A 18 -0.05 23.34 -1.28
CA ILE A 18 0.72 22.42 -2.09
C ILE A 18 2.18 22.85 -2.20
N LYS A 19 2.43 24.15 -2.31
CA LYS A 19 3.79 24.66 -2.42
C LYS A 19 4.54 24.44 -1.11
N SER A 20 3.85 24.54 0.03
CA SER A 20 4.46 24.22 1.32
C SER A 20 4.81 22.75 1.39
N TRP A 21 3.85 21.89 1.04
CA TRP A 21 4.06 20.45 0.94
C TRP A 21 5.35 20.18 0.18
N PHE A 22 5.46 20.70 -1.06
CA PHE A 22 6.68 20.49 -1.89
C PHE A 22 7.93 21.07 -1.20
N ARG A 23 7.76 22.16 -0.45
CA ARG A 23 8.89 22.73 0.32
C ARG A 23 9.41 21.79 1.43
N CYS A 24 8.49 21.29 2.27
CA CYS A 24 8.80 20.24 3.23
C CYS A 24 9.44 19.00 2.58
N GLU A 25 8.98 18.64 1.37
CA GLU A 25 9.55 17.51 0.65
C GLU A 25 11.01 17.73 0.29
N GLN A 26 11.31 18.89 -0.30
CA GLN A 26 12.68 19.18 -0.75
C GLN A 26 13.60 19.24 0.47
N LYS A 27 13.11 19.87 1.54
CA LYS A 27 13.82 19.96 2.81
C LYS A 27 14.11 18.56 3.34
N ALA A 28 13.08 17.71 3.43
CA ALA A 28 13.22 16.32 3.89
C ALA A 28 14.03 15.49 2.93
N ALA A 29 13.83 15.72 1.65
CA ALA A 29 14.59 15.03 0.62
C ALA A 29 16.11 15.19 0.80
N SER A 30 16.61 16.39 1.14
CA SER A 30 18.08 16.58 1.23
C SER A 30 18.62 16.13 2.60
N ARG A 31 17.90 16.50 3.66
CA ARG A 31 18.24 16.08 5.01
C ARG A 31 18.36 14.58 5.17
N SER A 32 17.65 13.81 4.33
CA SER A 32 17.70 12.35 4.38
C SER A 32 17.95 11.67 3.01
N TYR A 33 18.68 12.31 2.10
CA TYR A 33 18.83 11.72 0.75
C TYR A 33 19.55 10.38 0.81
N ALA A 34 20.62 10.31 1.59
CA ALA A 34 21.42 9.09 1.78
C ALA A 34 20.57 7.83 2.07
N THR A 35 19.51 7.99 2.88
CA THR A 35 18.69 6.85 3.34
C THR A 35 17.59 6.33 2.39
N LEU A 36 17.42 6.92 1.22
CA LEU A 36 16.39 6.46 0.27
C LEU A 36 16.86 5.30 -0.64
N GLY A 37 18.14 4.91 -0.50
CA GLY A 37 18.70 3.70 -1.15
C GLY A 37 18.41 2.44 -0.37
N ASP A 38 17.91 2.61 0.85
CA ASP A 38 17.48 1.52 1.72
C ASP A 38 15.96 1.48 1.79
N MET A 39 15.42 0.27 1.94
CA MET A 39 13.97 0.17 2.12
CA MET A 39 14.00 0.03 2.20
C MET A 39 13.64 0.60 3.57
N SER A 40 12.42 1.08 3.73
CA SER A 40 11.95 1.56 5.02
C SER A 40 11.97 0.42 6.02
N HIS A 41 12.18 0.76 7.28
CA HIS A 41 11.75 -0.12 8.37
C HIS A 41 10.25 -0.52 8.11
N PRO A 42 9.92 -1.82 8.27
CA PRO A 42 8.61 -2.32 7.86
C PRO A 42 7.43 -1.61 8.47
N GLN A 43 7.54 -1.27 9.75
CA GLN A 43 6.46 -0.53 10.44
C GLN A 43 6.40 0.94 10.00
N GLY A 44 7.43 1.39 9.31
CA GLY A 44 7.50 2.76 8.83
C GLY A 44 8.74 3.35 9.44
N ILE A 45 9.29 4.37 8.79
CA ILE A 45 10.50 5.05 9.30
C ILE A 45 10.30 5.47 10.78
N TYR A 46 11.27 5.16 11.66
CA TYR A 46 11.14 5.45 13.13
C TYR A 46 10.83 6.93 13.44
N GLU A 47 11.63 7.81 12.84
CA GLU A 47 11.48 9.25 12.99
C GLU A 47 10.05 9.74 12.60
N VAL A 48 9.45 9.04 11.62
CA VAL A 48 8.12 9.40 11.12
C VAL A 48 7.04 8.87 12.03
N ARG A 49 7.21 7.68 12.58
CA ARG A 49 6.24 7.19 13.57
C ARG A 49 6.29 8.05 14.82
N ALA A 50 7.49 8.50 15.19
CA ALA A 50 7.65 9.34 16.39
C ALA A 50 6.90 10.66 16.20
N ALA A 51 7.15 11.30 15.04
CA ALA A 51 6.41 12.48 14.64
C ALA A 51 4.90 12.26 14.73
N ILE A 52 4.40 11.13 14.22
CA ILE A 52 2.94 10.90 14.30
C ILE A 52 2.51 10.58 15.73
N THR A 53 3.35 9.86 16.47
CA THR A 53 3.05 9.55 17.88
C THR A 53 2.94 10.82 18.75
N ARG A 54 3.83 11.79 18.55
CA ARG A 54 3.72 13.09 19.23
C ARG A 54 2.40 13.78 18.93
N LEU A 55 2.11 13.91 17.64
CA LEU A 55 0.93 14.64 17.13
C LEU A 55 -0.39 14.09 17.62
N ILE A 56 -0.56 12.78 17.59
CA ILE A 56 -1.84 12.19 18.00
C ILE A 56 -2.09 12.32 19.52
N SER A 57 -1.02 12.41 20.33
CA SER A 57 -1.14 12.70 21.77
CA SER A 57 -1.16 12.69 21.78
C SER A 57 -1.65 14.13 22.01
N LEU A 58 -1.05 15.11 21.34
CA LEU A 58 -1.57 16.50 21.36
C LEU A 58 -3.02 16.60 20.87
N THR A 59 -3.31 16.09 19.68
CA THR A 59 -4.60 16.36 19.02
C THR A 59 -5.78 15.48 19.50
N ARG A 60 -5.48 14.29 20.06
CA ARG A 60 -6.51 13.31 20.47
C ARG A 60 -6.27 12.63 21.84
N GLY A 61 -5.13 12.85 22.46
CA GLY A 61 -4.85 12.26 23.77
C GLY A 61 -4.46 10.80 23.70
N VAL A 62 -4.03 10.34 22.52
CA VAL A 62 -3.62 8.95 22.35
C VAL A 62 -2.22 8.81 22.94
N LYS A 63 -2.09 7.91 23.91
CA LYS A 63 -0.84 7.69 24.62
C LYS A 63 -0.27 6.37 24.16
N CYS A 64 0.89 6.43 23.51
CA CYS A 64 1.56 5.23 22.99
C CYS A 64 3.01 5.50 22.60
N ARG A 65 3.72 4.40 22.35
CA ARG A 65 5.11 4.45 21.97
C ARG A 65 5.13 4.39 20.45
N PRO A 66 6.18 4.95 19.80
CA PRO A 66 6.37 4.76 18.38
C PRO A 66 6.46 3.30 17.97
N GLU A 67 7.00 2.47 18.85
CA GLU A 67 7.33 1.09 18.52
C GLU A 67 6.07 0.30 18.15
N GLN A 68 4.93 0.72 18.68
CA GLN A 68 3.64 0.04 18.45
C GLN A 68 2.85 0.48 17.19
N MET A 69 3.43 1.38 16.41
CA MET A 69 2.70 1.99 15.33
C MET A 69 3.05 1.30 14.06
N ILE A 70 2.06 1.15 13.18
CA ILE A 70 2.31 0.59 11.87
C ILE A 70 1.78 1.54 10.85
N ILE A 71 2.67 2.09 10.04
CA ILE A 71 2.29 3.02 8.98
C ILE A 71 1.93 2.17 7.77
N GLY A 72 0.83 2.53 7.09
CA GLY A 72 0.44 1.91 5.83
C GLY A 72 -0.31 2.77 4.84
N ALA A 73 -0.49 2.23 3.65
CA ALA A 73 -1.02 2.95 2.51
C ALA A 73 -2.55 2.96 2.47
N GLY A 74 -3.17 3.66 3.41
CA GLY A 74 -4.63 3.67 3.53
C GLY A 74 -5.07 2.66 4.56
N THR A 75 -6.23 2.89 5.16
CA THR A 75 -6.76 2.01 6.20
C THR A 75 -6.92 0.58 5.73
N GLN A 76 -7.50 0.39 4.55
CA GLN A 76 -7.76 -0.93 3.97
C GLN A 76 -6.59 -1.90 4.18
N VAL A 77 -5.37 -1.43 3.96
CA VAL A 77 -4.19 -2.35 3.99
C VAL A 77 -3.79 -2.70 5.40
N LEU A 78 -3.86 -1.70 6.29
CA LEU A 78 -3.74 -1.92 7.73
C LEU A 78 -4.88 -2.80 8.27
N MET A 79 -6.12 -2.55 7.89
CA MET A 79 -7.24 -3.44 8.24
C MET A 79 -6.97 -4.89 7.80
N GLN A 80 -6.54 -5.09 6.57
CA GLN A 80 -6.19 -6.45 6.13
C GLN A 80 -5.14 -7.03 7.09
N LEU A 81 -4.06 -6.30 7.34
CA LEU A 81 -3.01 -6.76 8.26
C LEU A 81 -3.60 -7.14 9.59
N LEU A 82 -4.48 -6.28 10.08
CA LEU A 82 -5.10 -6.46 11.38
C LEU A 82 -5.80 -7.83 11.44
N THR A 83 -6.70 -8.13 10.51
CA THR A 83 -7.40 -9.41 10.51
C THR A 83 -6.45 -10.61 10.59
N GLU A 84 -5.29 -10.51 9.97
CA GLU A 84 -4.34 -11.60 10.03
C GLU A 84 -3.63 -11.72 11.34
N LEU A 85 -3.70 -10.68 12.17
CA LEU A 85 -3.14 -10.64 13.54
C LEU A 85 -4.15 -11.08 14.62
N LEU A 86 -5.41 -10.70 14.42
CA LEU A 86 -6.54 -11.20 15.23
C LEU A 86 -6.76 -12.73 14.97
N PRO A 87 -7.44 -13.45 15.92
CA PRO A 87 -7.29 -14.91 16.18
C PRO A 87 -7.45 -15.89 15.01
N LYS A 88 -8.35 -15.47 14.09
CA LYS A 88 -8.60 -16.02 12.74
C LYS A 88 -10.06 -16.45 12.61
N GLU A 89 -10.59 -17.05 13.66
CA GLU A 89 -12.01 -17.33 13.77
C GLU A 89 -12.84 -16.14 14.36
N ALA A 90 -12.29 -14.93 14.43
CA ALA A 90 -12.97 -13.83 15.12
C ALA A 90 -14.30 -13.43 14.51
N VAL A 91 -15.14 -12.86 15.36
CA VAL A 91 -16.44 -12.33 14.99
C VAL A 91 -16.41 -10.82 15.18
N TYR A 92 -16.80 -10.11 14.14
CA TYR A 92 -16.61 -8.68 14.09
C TYR A 92 -17.96 -8.00 14.18
N ALA A 93 -17.94 -6.69 14.40
CA ALA A 93 -19.17 -5.96 14.65
C ALA A 93 -19.04 -4.51 14.24
N MET A 94 -19.86 -4.10 13.29
CA MET A 94 -19.73 -2.77 12.74
C MET A 94 -21.01 -1.97 12.88
N GLU A 95 -20.84 -0.66 12.78
CA GLU A 95 -21.94 0.26 12.82
C GLU A 95 -22.85 0.02 11.61
N GLU A 96 -24.16 0.18 11.82
CA GLU A 96 -25.16 -0.06 10.80
C GLU A 96 -26.08 1.13 10.92
N PRO A 97 -26.06 2.07 9.97
CA PRO A 97 -25.15 2.09 8.83
C PRO A 97 -23.67 2.30 9.20
N GLY A 98 -22.78 1.87 8.30
CA GLY A 98 -21.32 1.87 8.55
C GLY A 98 -20.45 2.15 7.34
N TYR A 99 -19.18 1.78 7.43
CA TYR A 99 -18.23 1.93 6.32
C TYR A 99 -18.27 0.63 5.52
N ARG A 100 -19.17 0.62 4.53
CA ARG A 100 -19.51 -0.58 3.76
C ARG A 100 -18.29 -1.30 3.13
N ARG A 101 -17.31 -0.54 2.65
CA ARG A 101 -16.10 -1.11 2.08
C ARG A 101 -15.35 -2.00 3.04
N MET A 102 -15.29 -1.57 4.30
CA MET A 102 -14.71 -2.41 5.34
C MET A 102 -15.62 -3.60 5.63
N TYR A 103 -16.93 -3.42 5.58
CA TYR A 103 -17.86 -4.56 5.66
C TYR A 103 -17.52 -5.59 4.57
N GLN A 104 -17.51 -5.15 3.32
CA GLN A 104 -17.22 -6.02 2.18
C GLN A 104 -15.85 -6.66 2.32
N LEU A 105 -14.83 -5.92 2.77
CA LEU A 105 -13.51 -6.54 2.99
C LEU A 105 -13.52 -7.70 3.98
N LEU A 106 -14.35 -7.55 5.01
CA LEU A 106 -14.46 -8.54 6.07
C LEU A 106 -15.26 -9.77 5.66
N LYS A 107 -16.39 -9.55 5.00
CA LYS A 107 -17.21 -10.64 4.49
C LYS A 107 -16.30 -11.44 3.55
N ASN A 108 -15.78 -10.72 2.54
CA ASN A 108 -14.89 -11.26 1.51
C ASN A 108 -13.77 -12.08 2.12
N ALA A 109 -13.24 -11.64 3.26
CA ALA A 109 -12.14 -12.39 3.91
C ALA A 109 -12.59 -13.60 4.75
N GLY A 110 -13.88 -13.94 4.74
CA GLY A 110 -14.43 -15.05 5.56
C GLY A 110 -15.11 -14.70 6.90
N LYS A 111 -15.05 -13.44 7.31
CA LYS A 111 -15.34 -13.11 8.69
C LYS A 111 -16.84 -13.02 8.94
N GLN A 112 -17.25 -13.55 10.10
CA GLN A 112 -18.60 -13.34 10.57
C GLN A 112 -18.62 -11.88 11.04
N VAL A 113 -19.58 -11.11 10.54
CA VAL A 113 -19.64 -9.68 10.83
C VAL A 113 -21.07 -9.37 11.21
N LYS A 114 -21.24 -8.84 12.41
CA LYS A 114 -22.56 -8.52 12.91
C LYS A 114 -22.76 -7.02 12.79
N THR A 115 -23.97 -6.63 12.41
CA THR A 115 -24.30 -5.23 12.25
C THR A 115 -24.85 -4.82 13.62
N ILE A 116 -24.83 -3.53 13.91
CA ILE A 116 -25.13 -2.99 15.24
C ILE A 116 -25.77 -1.63 15.06
N MET A 117 -27.03 -1.50 15.50
CA MET A 117 -27.82 -0.30 15.23
C MET A 117 -27.27 0.89 16.03
N LEU A 118 -27.69 2.08 15.65
CA LEU A 118 -27.30 3.30 16.32
C LEU A 118 -28.45 3.78 17.21
N ASP A 119 -28.11 4.41 18.34
CA ASP A 119 -29.07 5.25 19.07
C ASP A 119 -28.56 6.71 19.04
N GLU A 120 -29.19 7.58 19.83
CA GLU A 120 -28.77 8.98 19.93
C GLU A 120 -27.32 9.19 20.44
N LYS A 121 -26.67 8.14 20.97
CA LYS A 121 -25.29 8.22 21.46
C LYS A 121 -24.30 7.22 20.81
N GLY A 122 -24.52 6.91 19.52
CA GLY A 122 -23.67 6.00 18.75
C GLY A 122 -24.03 4.52 18.78
N MET A 123 -23.01 3.68 18.64
CA MET A 123 -23.12 2.20 18.59
C MET A 123 -23.75 1.58 19.87
N SER A 124 -24.84 0.84 19.69
CA SER A 124 -25.87 0.67 20.73
C SER A 124 -25.40 0.20 22.11
N ILE A 125 -24.51 -0.80 22.11
CA ILE A 125 -23.95 -1.45 23.31
C ILE A 125 -24.91 -2.46 23.92
N ALA A 126 -26.18 -2.07 24.05
CA ALA A 126 -27.27 -3.03 24.23
C ALA A 126 -27.11 -4.22 23.25
N GLU A 127 -27.01 -3.85 21.96
CA GLU A 127 -26.77 -4.80 20.85
C GLU A 127 -25.44 -5.55 20.99
N ILE A 128 -24.37 -4.80 21.26
CA ILE A 128 -23.03 -5.39 21.41
C ILE A 128 -23.01 -6.50 22.47
N THR A 129 -23.59 -6.21 23.63
CA THR A 129 -23.52 -7.13 24.78
C THR A 129 -24.34 -8.38 24.51
N ARG A 130 -25.54 -8.17 23.95
CA ARG A 130 -26.42 -9.26 23.56
C ARG A 130 -25.78 -10.16 22.47
N GLN A 131 -25.31 -9.54 21.38
CA GLN A 131 -24.82 -10.27 20.20
C GLN A 131 -23.40 -10.90 20.36
N GLN A 132 -22.70 -10.59 21.45
CA GLN A 132 -21.44 -11.27 21.87
C GLN A 132 -20.33 -11.53 20.80
N PRO A 133 -19.86 -10.47 20.10
CA PRO A 133 -18.72 -10.55 19.17
C PRO A 133 -17.36 -10.54 19.85
N ASP A 134 -16.32 -10.78 19.07
CA ASP A 134 -14.94 -10.62 19.55
C ASP A 134 -14.37 -9.22 19.25
N VAL A 135 -14.75 -8.58 18.14
CA VAL A 135 -14.12 -7.31 17.76
C VAL A 135 -15.11 -6.25 17.28
N LEU A 136 -14.97 -5.04 17.78
CA LEU A 136 -15.84 -3.95 17.41
C LEU A 136 -15.11 -3.01 16.45
N VAL A 137 -15.87 -2.39 15.54
CA VAL A 137 -15.36 -1.29 14.73
C VAL A 137 -16.31 -0.13 14.90
N THR A 138 -15.78 1.01 15.33
CA THR A 138 -16.59 2.15 15.66
C THR A 138 -15.93 3.43 15.24
N THR A 139 -16.72 4.51 15.19
CA THR A 139 -16.25 5.83 14.71
C THR A 139 -16.75 6.96 15.65
N PRO A 140 -16.17 7.01 16.87
CA PRO A 140 -16.66 7.90 17.94
C PRO A 140 -16.75 9.39 17.62
N SER A 141 -15.76 9.93 16.90
CA SER A 141 -15.61 11.37 16.74
C SER A 141 -16.62 11.96 15.77
N HIS A 142 -17.08 11.15 14.82
CA HIS A 142 -18.08 11.60 13.84
C HIS A 142 -18.52 10.37 13.10
N GLN A 143 -19.68 9.82 13.46
CA GLN A 143 -20.02 8.48 12.99
C GLN A 143 -20.10 8.47 11.47
N PHE A 144 -19.60 7.39 10.87
CA PHE A 144 -19.63 7.26 9.46
C PHE A 144 -20.62 6.14 9.13
N PRO A 145 -21.79 6.49 8.58
CA PRO A 145 -22.11 7.81 7.98
C PRO A 145 -22.93 8.78 8.84
N SER A 146 -23.64 8.27 9.86
CA SER A 146 -24.72 9.02 10.56
C SER A 146 -24.30 10.40 11.09
N GLY A 147 -23.07 10.51 11.57
CA GLY A 147 -22.50 11.78 12.01
C GLY A 147 -22.68 12.05 13.49
N THR A 148 -23.15 11.04 14.22
CA THR A 148 -23.32 11.12 15.67
C THR A 148 -21.97 11.16 16.35
N ILE A 149 -21.77 12.13 17.24
CA ILE A 149 -20.56 12.13 18.10
C ILE A 149 -20.82 11.26 19.35
N MET A 150 -20.21 10.07 19.38
CA MET A 150 -20.29 9.19 20.56
C MET A 150 -19.73 10.01 21.70
N PRO A 151 -20.47 10.11 22.82
CA PRO A 151 -19.93 10.87 23.94
C PRO A 151 -19.23 9.93 24.90
N VAL A 152 -18.64 10.50 25.93
CA VAL A 152 -17.78 9.79 26.87
C VAL A 152 -18.46 8.55 27.47
N SER A 153 -19.69 8.71 27.92
CA SER A 153 -20.42 7.64 28.61
C SER A 153 -20.33 6.30 27.86
N ARG A 154 -20.59 6.34 26.55
CA ARG A 154 -20.62 5.14 25.71
C ARG A 154 -19.22 4.59 25.42
N ARG A 155 -18.25 5.48 25.23
CA ARG A 155 -16.85 5.08 25.12
C ARG A 155 -16.46 4.26 26.34
N ILE A 156 -16.96 4.67 27.52
CA ILE A 156 -16.76 3.94 28.78
C ILE A 156 -17.49 2.60 28.72
N GLN A 157 -18.79 2.63 28.39
CA GLN A 157 -19.59 1.40 28.25
C GLN A 157 -18.84 0.35 27.43
N LEU A 158 -18.45 0.74 26.20
CA LEU A 158 -17.67 -0.11 25.27
C LEU A 158 -16.37 -0.69 25.85
N LEU A 159 -15.60 0.16 26.52
CA LEU A 159 -14.33 -0.28 27.15
C LEU A 159 -14.57 -1.32 28.21
N ASN A 160 -15.64 -1.10 28.97
CA ASN A 160 -16.04 -2.00 30.05
C ASN A 160 -16.50 -3.33 29.50
N TRP A 161 -17.26 -3.29 28.40
CA TRP A 161 -17.60 -4.50 27.63
C TRP A 161 -16.34 -5.27 27.22
N ALA A 162 -15.36 -4.54 26.67
CA ALA A 162 -14.09 -5.13 26.28
C ALA A 162 -13.27 -5.60 27.48
N ASN A 163 -13.28 -4.78 28.53
CA ASN A 163 -12.52 -5.05 29.75
C ASN A 163 -13.00 -6.27 30.54
N GLU A 164 -14.30 -6.55 30.50
CA GLU A 164 -14.89 -7.59 31.37
C GLU A 164 -14.91 -9.02 30.79
N GLU A 165 -14.07 -9.30 29.81
CA GLU A 165 -13.95 -10.64 29.24
C GLU A 165 -12.68 -10.64 28.39
N PRO A 166 -11.95 -11.78 28.32
CA PRO A 166 -10.74 -11.80 27.46
C PRO A 166 -11.04 -11.75 25.96
N ARG A 167 -10.03 -11.33 25.20
CA ARG A 167 -10.00 -11.48 23.74
C ARG A 167 -11.11 -10.70 23.03
N ARG A 168 -11.52 -9.61 23.65
CA ARG A 168 -12.35 -8.61 23.03
C ARG A 168 -11.45 -7.43 22.63
N TYR A 169 -11.64 -6.94 21.41
CA TYR A 169 -10.85 -5.82 20.88
C TYR A 169 -11.78 -4.72 20.42
N ILE A 170 -11.33 -3.48 20.50
CA ILE A 170 -12.02 -2.35 19.85
C ILE A 170 -11.12 -1.76 18.72
N ILE A 171 -11.65 -1.63 17.51
CA ILE A 171 -10.94 -0.93 16.45
C ILE A 171 -11.49 0.50 16.47
N GLU A 172 -10.69 1.43 16.96
CA GLU A 172 -11.10 2.82 16.96
C GLU A 172 -10.66 3.48 15.65
N ASP A 173 -11.64 3.67 14.78
CA ASP A 173 -11.45 4.25 13.48
C ASP A 173 -11.76 5.72 13.65
N ASP A 174 -10.72 6.48 14.00
CA ASP A 174 -10.89 7.91 14.22
C ASP A 174 -10.98 8.76 12.92
N TYR A 175 -11.25 8.13 11.77
CA TYR A 175 -11.56 8.88 10.51
C TYR A 175 -12.32 10.19 10.74
N ASP A 176 -11.84 11.29 10.16
CA ASP A 176 -12.62 12.54 10.15
C ASP A 176 -12.74 13.21 11.57
N SER A 177 -11.67 13.13 12.36
CA SER A 177 -11.62 13.64 13.75
C SER A 177 -11.22 15.10 13.85
N GLU A 178 -10.38 15.53 12.90
CA GLU A 178 -9.70 16.81 12.95
C GLU A 178 -10.61 17.99 13.30
N PHE A 179 -11.88 17.92 12.90
CA PHE A 179 -12.79 19.05 12.95
C PHE A 179 -14.03 18.81 13.83
N THR A 180 -14.20 19.67 14.85
CA THR A 180 -15.40 19.75 15.71
C THR A 180 -15.68 21.23 15.97
N TYR A 181 -16.90 21.70 15.64
CA TYR A 181 -17.16 23.14 15.37
C TYR A 181 -17.71 23.98 16.54
N ASP A 182 -18.93 23.66 16.98
CA ASP A 182 -19.56 24.36 18.09
C ASP A 182 -19.84 23.34 19.19
N VAL A 183 -18.76 22.66 19.59
CA VAL A 183 -18.81 21.57 20.56
C VAL A 183 -17.39 21.30 21.09
N GLU A 184 -17.27 20.43 22.10
CA GLU A 184 -15.95 19.98 22.59
C GLU A 184 -15.45 18.77 21.79
N SER A 185 -14.14 18.76 21.50
CA SER A 185 -13.45 17.50 21.11
C SER A 185 -13.26 16.69 22.39
N ILE A 186 -13.26 15.37 22.22
CA ILE A 186 -13.45 14.42 23.32
C ILE A 186 -12.29 13.41 23.29
N PRO A 187 -11.76 13.00 24.45
CA PRO A 187 -10.74 11.96 24.47
C PRO A 187 -11.11 10.63 23.81
N ALA A 188 -10.16 10.09 23.04
CA ALA A 188 -10.31 8.81 22.34
C ALA A 188 -10.41 7.65 23.32
N LEU A 189 -11.07 6.57 22.91
CA LEU A 189 -11.14 5.31 23.66
C LEU A 189 -9.78 4.76 24.09
N GLN A 190 -8.75 4.95 23.26
CA GLN A 190 -7.46 4.35 23.54
C GLN A 190 -6.89 4.96 24.80
N SER A 191 -7.04 6.28 24.90
CA SER A 191 -6.54 7.03 26.04
C SER A 191 -7.27 6.67 27.35
N LEU A 192 -8.55 6.30 27.26
CA LEU A 192 -9.30 5.81 28.44
C LEU A 192 -9.13 4.30 28.71
N ASP A 193 -8.21 3.63 28.02
CA ASP A 193 -8.15 2.19 28.09
C ASP A 193 -7.25 1.72 29.21
N ARG A 194 -7.69 0.65 29.87
CA ARG A 194 -6.96 0.08 31.00
C ARG A 194 -6.04 -1.03 30.47
N PHE A 195 -6.64 -2.08 29.88
CA PHE A 195 -5.94 -3.34 29.60
C PHE A 195 -5.33 -3.45 28.18
N GLN A 196 -5.41 -2.36 27.39
CA GLN A 196 -4.96 -2.34 25.97
C GLN A 196 -5.71 -3.33 25.04
N ASN A 197 -6.99 -3.03 24.88
CA ASN A 197 -7.90 -3.72 23.99
C ASN A 197 -8.41 -2.76 22.86
N VAL A 198 -7.79 -1.58 22.73
CA VAL A 198 -8.08 -0.69 21.63
C VAL A 198 -6.97 -0.83 20.60
N ILE A 199 -7.37 -0.78 19.34
CA ILE A 199 -6.48 -0.58 18.21
C ILE A 199 -6.93 0.77 17.63
N TYR A 200 -6.13 1.81 17.89
CA TYR A 200 -6.40 3.15 17.39
C TYR A 200 -5.89 3.17 15.94
N MET A 201 -6.77 3.58 15.01
CA MET A 201 -6.44 3.75 13.59
C MET A 201 -6.70 5.16 13.16
N GLY A 202 -5.77 5.75 12.43
CA GLY A 202 -5.93 7.08 11.89
C GLY A 202 -5.43 7.21 10.46
N THR A 203 -5.69 8.38 9.86
CA THR A 203 -5.33 8.66 8.49
C THR A 203 -5.18 10.16 8.13
N PHE A 204 -4.26 10.42 7.23
CA PHE A 204 -3.95 11.75 6.78
C PHE A 204 -4.67 12.15 5.50
N SER A 205 -5.37 11.18 4.90
CA SER A 205 -6.25 11.38 3.74
C SER A 205 -7.14 12.59 3.86
N LYS A 206 -7.96 12.64 4.91
CA LYS A 206 -8.86 13.80 5.09
C LYS A 206 -8.19 15.13 5.40
N SER A 207 -7.20 15.17 6.32
CA SER A 207 -6.51 16.43 6.61
C SER A 207 -5.49 16.90 5.56
N LEU A 208 -5.04 16.01 4.66
CA LEU A 208 -4.16 16.43 3.55
C LEU A 208 -4.88 16.40 2.18
N LEU A 209 -4.46 15.56 1.25
CA LEU A 209 -5.28 15.20 0.08
C LEU A 209 -5.65 13.70 0.12
N PRO A 210 -6.82 13.31 -0.44
CA PRO A 210 -7.17 11.88 -0.57
C PRO A 210 -6.13 11.08 -1.35
N GLY A 211 -5.54 11.73 -2.36
CA GLY A 211 -4.43 11.22 -3.11
C GLY A 211 -3.28 10.65 -2.30
N LEU A 212 -2.94 11.21 -1.14
CA LEU A 212 -1.64 10.93 -0.51
C LEU A 212 -1.39 9.51 -0.01
N ARG A 213 -2.37 8.89 0.64
CA ARG A 213 -2.29 7.48 1.03
C ARG A 213 -1.28 7.27 2.17
N ILE A 214 -1.57 7.86 3.31
CA ILE A 214 -0.72 7.67 4.47
C ILE A 214 -1.59 7.62 5.73
N SER A 215 -1.57 6.47 6.37
CA SER A 215 -2.48 6.15 7.45
C SER A 215 -1.68 5.31 8.44
N TYR A 216 -2.28 5.06 9.60
CA TYR A 216 -1.51 4.51 10.68
C TYR A 216 -2.39 3.81 11.66
N MET A 217 -1.86 2.79 12.29
CA MET A 217 -2.56 2.14 13.39
C MET A 217 -1.57 1.83 14.52
N VAL A 218 -2.09 1.94 15.76
CA VAL A 218 -1.30 1.72 16.96
C VAL A 218 -1.78 0.44 17.61
N LEU A 219 -0.85 -0.50 17.78
CA LEU A 219 -1.15 -1.86 18.21
C LEU A 219 -0.88 -2.15 19.70
N PRO A 220 -1.75 -2.92 20.34
CA PRO A 220 -1.40 -3.45 21.63
C PRO A 220 -0.15 -4.37 21.58
N PRO A 221 0.67 -4.39 22.65
CA PRO A 221 1.80 -5.31 22.80
C PRO A 221 1.55 -6.73 22.30
N GLU A 222 0.41 -7.32 22.66
CA GLU A 222 0.08 -8.70 22.32
C GLU A 222 0.05 -8.85 20.80
N LEU A 223 -0.73 -7.99 20.16
CA LEU A 223 -0.81 -7.96 18.71
C LEU A 223 0.52 -7.56 18.05
N LEU A 224 1.23 -6.57 18.59
CA LEU A 224 2.59 -6.24 18.11
C LEU A 224 3.55 -7.43 18.11
N ARG A 225 3.43 -8.34 19.10
CA ARG A 225 4.27 -9.53 19.13
C ARG A 225 3.89 -10.48 17.99
N ALA A 226 2.59 -10.50 17.69
CA ALA A 226 2.05 -11.20 16.52
C ALA A 226 2.57 -10.59 15.18
N TYR A 227 2.57 -9.25 15.05
CA TYR A 227 3.15 -8.62 13.84
C TYR A 227 4.63 -9.02 13.71
N LYS A 228 5.37 -9.00 14.79
CA LYS A 228 6.82 -9.20 14.70
C LYS A 228 7.18 -10.66 14.37
N GLN A 229 6.26 -11.58 14.71
CA GLN A 229 6.44 -13.03 14.46
C GLN A 229 6.35 -13.32 12.97
N ARG A 230 5.58 -12.52 12.22
CA ARG A 230 5.55 -12.61 10.75
C ARG A 230 6.92 -12.39 10.12
N GLY A 231 7.46 -11.19 10.31
CA GLY A 231 8.78 -10.81 9.79
C GLY A 231 8.98 -10.78 8.28
N TYR A 232 7.90 -10.77 7.50
CA TYR A 232 8.00 -10.64 6.03
C TYR A 232 7.53 -9.28 5.51
N ASP A 233 6.67 -8.60 6.24
CA ASP A 233 6.01 -7.41 5.68
C ASP A 233 7.02 -6.39 5.20
N LEU A 234 6.63 -5.67 4.16
CA LEU A 234 7.33 -4.52 3.70
C LEU A 234 6.39 -3.32 3.76
N GLN A 235 6.98 -2.14 3.94
CA GLN A 235 6.23 -0.92 4.03
C GLN A 235 5.59 -0.65 2.68
N THR A 236 4.40 -0.06 2.72
CA THR A 236 3.62 0.35 1.56
C THR A 236 3.69 1.83 1.30
N CYS A 237 3.96 2.68 2.31
CA CYS A 237 4.21 4.11 2.05
C CYS A 237 5.59 4.36 1.51
N SER A 238 5.60 5.20 0.49
CA SER A 238 6.78 5.70 -0.15
C SER A 238 7.60 6.45 0.89
N SER A 239 8.90 6.17 0.94
CA SER A 239 9.77 6.73 1.93
C SER A 239 9.72 8.27 1.87
N LEU A 240 9.85 8.84 0.67
CA LEU A 240 9.75 10.30 0.48
C LEU A 240 8.52 10.92 1.11
N THR A 241 7.41 10.21 0.97
CA THR A 241 6.15 10.69 1.44
C THR A 241 6.13 10.67 2.95
N GLN A 242 6.71 9.62 3.53
CA GLN A 242 6.77 9.54 4.99
C GLN A 242 7.63 10.67 5.54
N LEU A 243 8.79 10.87 4.91
CA LEU A 243 9.70 11.94 5.24
C LEU A 243 9.11 13.38 5.03
N THR A 244 8.46 13.56 3.89
CA THR A 244 7.72 14.78 3.64
C THR A 244 6.65 15.00 4.74
N LEU A 245 6.03 13.94 5.24
CA LEU A 245 5.01 14.09 6.29
C LEU A 245 5.64 14.45 7.62
N GLN A 246 6.81 13.87 7.90
CA GLN A 246 7.55 14.17 9.11
C GLN A 246 7.85 15.65 9.14
N GLU A 247 8.38 16.13 8.03
CA GLU A 247 8.71 17.54 7.90
C GLU A 247 7.49 18.44 7.98
N PHE A 248 6.36 17.99 7.49
CA PHE A 248 5.15 18.79 7.48
C PHE A 248 4.67 18.98 8.93
N ILE A 249 4.70 17.91 9.71
CA ILE A 249 4.30 17.96 11.11
C ILE A 249 5.31 18.73 11.97
N GLU A 250 6.56 18.28 11.93
CA GLU A 250 7.62 18.85 12.75
C GLU A 250 7.92 20.34 12.51
N SER A 251 7.52 20.92 11.37
CA SER A 251 7.84 22.31 11.06
C SER A 251 6.68 23.24 11.41
N GLY A 252 5.58 22.67 11.89
CA GLY A 252 4.39 23.45 12.24
C GLY A 252 3.41 23.66 11.10
N GLU A 253 3.79 23.33 9.86
CA GLU A 253 2.93 23.56 8.67
C GLU A 253 1.61 22.78 8.71
N TYR A 254 1.64 21.56 9.27
CA TYR A 254 0.44 20.75 9.52
C TYR A 254 -0.51 21.44 10.50
N GLN A 255 -0.07 21.64 11.75
CA GLN A 255 -0.85 22.41 12.74
C GLN A 255 -1.45 23.67 12.11
N LYS A 256 -0.62 24.45 11.40
CA LYS A 256 -1.06 25.68 10.71
C LYS A 256 -2.21 25.39 9.76
N HIS A 257 -1.97 24.47 8.84
CA HIS A 257 -2.98 24.01 7.87
C HIS A 257 -4.32 23.60 8.53
N ILE A 258 -4.27 22.80 9.59
CA ILE A 258 -5.52 22.40 10.26
C ILE A 258 -6.29 23.57 10.85
N LYS A 259 -5.58 24.61 11.31
CA LYS A 259 -6.23 25.81 11.86
C LYS A 259 -6.89 26.59 10.71
N LYS A 260 -6.11 26.89 9.68
CA LYS A 260 -6.62 27.44 8.42
C LYS A 260 -7.90 26.72 7.93
N MET A 261 -7.85 25.39 7.83
CA MET A 261 -9.03 24.62 7.41
C MET A 261 -10.12 24.52 8.47
N LYS A 262 -9.76 24.57 9.75
CA LYS A 262 -10.77 24.57 10.82
C LYS A 262 -11.74 25.76 10.64
N GLN A 263 -11.18 26.96 10.43
CA GLN A 263 -12.00 28.15 10.27
CA GLN A 263 -11.99 28.15 10.26
C GLN A 263 -12.73 28.12 8.92
N HIS A 264 -11.99 27.87 7.84
CA HIS A 264 -12.58 27.81 6.48
C HIS A 264 -13.70 26.76 6.34
N TYR A 265 -13.63 25.67 7.09
CA TYR A 265 -14.70 24.69 7.05
C TYR A 265 -15.85 25.09 7.99
N LYS A 266 -15.58 25.84 9.06
CA LYS A 266 -16.63 26.28 10.00
C LYS A 266 -17.58 27.27 9.33
N GLU A 267 -17.01 28.34 8.79
CA GLU A 267 -17.78 29.37 8.06
C GLU A 267 -18.42 28.88 6.74
N LYS A 268 -17.95 27.76 6.18
CA LYS A 268 -18.57 27.19 4.98
C LYS A 268 -19.60 26.11 5.30
N ARG A 269 -19.55 25.55 6.50
CA ARG A 269 -20.64 24.68 6.97
C ARG A 269 -21.89 25.52 7.27
N GLU A 270 -21.70 26.67 7.94
CA GLU A 270 -22.79 27.63 8.22
C GLU A 270 -23.48 28.14 6.94
N ARG A 271 -22.69 28.78 6.07
CA ARG A 271 -23.20 29.32 4.81
C ARG A 271 -23.98 28.29 3.97
N LEU A 272 -23.68 27.00 4.15
CA LEU A 272 -24.43 25.93 3.52
C LEU A 272 -25.76 25.63 4.21
N ILE A 273 -25.75 25.44 5.53
CA ILE A 273 -26.98 25.01 6.25
C ILE A 273 -28.00 26.15 6.20
N THR A 274 -27.50 27.35 6.50
CA THR A 274 -28.20 28.63 6.25
C THR A 274 -28.99 28.64 4.92
N ALA A 275 -28.30 28.32 3.82
CA ALA A 275 -28.90 28.28 2.49
C ALA A 275 -29.88 27.12 2.28
N LEU A 276 -29.64 25.97 2.93
CA LEU A 276 -30.57 24.82 2.88
C LEU A 276 -31.86 25.07 3.65
N GLU A 277 -31.72 25.55 4.89
CA GLU A 277 -32.88 25.87 5.73
CA GLU A 277 -32.87 25.86 5.74
C GLU A 277 -33.60 27.14 5.28
N ALA A 278 -33.03 27.84 4.27
CA ALA A 278 -33.69 28.96 3.57
C ALA A 278 -34.37 28.54 2.22
N GLU A 279 -33.80 27.56 1.53
CA GLU A 279 -34.33 27.02 0.26
C GLU A 279 -35.27 25.80 0.47
N PHE A 280 -35.44 25.38 1.73
CA PHE A 280 -36.43 24.36 2.10
C PHE A 280 -37.29 24.99 3.21
N SER A 281 -36.96 24.77 4.49
CA SER A 281 -37.51 25.55 5.65
C SER A 281 -37.42 24.68 6.93
N GLY A 282 -38.47 23.91 7.19
CA GLY A 282 -38.44 22.74 8.06
C GLY A 282 -38.74 21.51 7.21
N GLU A 283 -38.50 21.63 5.89
CA GLU A 283 -38.67 20.53 4.94
C GLU A 283 -37.34 19.76 4.84
N VAL A 284 -36.31 20.29 5.51
CA VAL A 284 -34.99 19.67 5.64
C VAL A 284 -34.68 19.52 7.14
N THR A 285 -34.34 18.30 7.58
CA THR A 285 -33.79 18.05 8.93
C THR A 285 -32.26 17.79 8.75
N VAL A 286 -31.44 18.56 9.47
CA VAL A 286 -29.97 18.41 9.44
C VAL A 286 -29.51 17.57 10.66
N LYS A 287 -28.81 16.47 10.40
CA LYS A 287 -28.30 15.57 11.43
C LYS A 287 -26.78 15.46 11.37
N GLY A 288 -26.17 15.21 12.54
CA GLY A 288 -24.73 14.93 12.67
C GLY A 288 -23.77 15.95 12.06
N ALA A 289 -24.04 17.23 12.29
CA ALA A 289 -23.29 18.32 11.67
C ALA A 289 -22.40 19.05 12.65
N ASN A 290 -22.02 18.37 13.73
CA ASN A 290 -21.17 18.97 14.78
C ASN A 290 -19.69 18.74 14.52
N ALA A 291 -19.36 17.56 13.99
CA ALA A 291 -17.96 17.20 13.68
C ALA A 291 -17.74 16.94 12.19
N GLY A 292 -16.47 16.64 11.83
CA GLY A 292 -16.13 16.10 10.51
C GLY A 292 -16.30 17.02 9.31
N LEU A 293 -16.44 16.43 8.13
CA LEU A 293 -16.60 17.19 6.89
C LEU A 293 -17.83 16.80 6.06
N HIS A 294 -18.83 16.23 6.72
CA HIS A 294 -20.14 16.01 6.12
C HIS A 294 -21.26 16.07 7.17
N PHE A 295 -22.50 16.22 6.69
CA PHE A 295 -23.68 15.93 7.52
C PHE A 295 -24.72 15.16 6.70
N VAL A 296 -25.80 14.81 7.37
CA VAL A 296 -26.95 14.20 6.72
C VAL A 296 -28.05 15.25 6.55
N THR A 297 -28.96 14.99 5.62
CA THR A 297 -30.20 15.74 5.49
C THR A 297 -31.32 14.74 5.22
N GLU A 298 -32.35 14.77 6.05
CA GLU A 298 -33.60 14.06 5.76
C GLU A 298 -34.61 15.02 5.10
N PHE A 299 -35.32 14.52 4.09
CA PHE A 299 -36.31 15.30 3.32
C PHE A 299 -37.71 14.71 3.39
N ASP A 300 -38.67 15.48 3.93
CA ASP A 300 -40.10 15.11 3.86
C ASP A 300 -40.62 15.23 2.42
N THR A 301 -40.81 14.10 1.75
CA THR A 301 -41.22 14.09 0.35
C THR A 301 -41.72 12.71 -0.07
N ARG A 302 -42.54 12.70 -1.13
CA ARG A 302 -43.10 11.45 -1.68
C ARG A 302 -42.03 10.64 -2.44
N ARG A 303 -41.14 11.33 -3.15
CA ARG A 303 -40.12 10.64 -3.93
C ARG A 303 -39.22 9.82 -3.01
N THR A 304 -38.91 8.60 -3.46
CA THR A 304 -37.94 7.76 -2.79
C THR A 304 -36.57 8.36 -3.00
N GLU A 305 -35.63 7.91 -2.18
CA GLU A 305 -34.22 8.29 -2.31
C GLU A 305 -33.74 8.17 -3.76
N GLN A 306 -34.00 7.02 -4.39
CA GLN A 306 -33.43 6.72 -5.69
C GLN A 306 -33.95 7.58 -6.86
N ASP A 307 -35.15 8.15 -6.73
CA ASP A 307 -35.64 9.15 -7.70
C ASP A 307 -34.94 10.52 -7.52
N ILE A 308 -34.68 10.87 -6.26
CA ILE A 308 -34.08 12.16 -5.89
C ILE A 308 -32.63 12.25 -6.37
N LEU A 309 -31.92 11.13 -6.33
CA LEU A 309 -30.61 11.01 -6.92
C LEU A 309 -30.64 11.17 -8.47
N SER A 310 -31.45 10.34 -9.16
CA SER A 310 -31.49 10.35 -10.64
CA SER A 310 -31.48 10.36 -10.64
C SER A 310 -31.91 11.71 -11.21
N HIS A 311 -32.80 12.41 -10.52
CA HIS A 311 -33.18 13.77 -10.94
C HIS A 311 -32.07 14.78 -10.63
N ALA A 312 -31.47 14.69 -9.45
CA ALA A 312 -30.31 15.53 -9.07
C ALA A 312 -29.07 15.27 -9.96
N ALA A 313 -28.84 14.00 -10.32
CA ALA A 313 -27.79 13.64 -11.27
C ALA A 313 -28.10 14.19 -12.67
N GLY A 314 -29.39 14.26 -13.02
CA GLY A 314 -29.85 14.97 -14.23
C GLY A 314 -29.54 16.46 -14.31
N LEU A 315 -29.37 17.12 -13.16
CA LEU A 315 -29.00 18.55 -13.07
C LEU A 315 -27.51 18.82 -12.79
N GLN A 316 -26.64 17.84 -13.12
CA GLN A 316 -25.19 17.94 -12.89
C GLN A 316 -24.84 18.21 -11.40
N LEU A 317 -25.64 17.65 -10.49
CA LEU A 317 -25.43 17.82 -9.05
C LEU A 317 -25.04 16.49 -8.41
N GLU A 318 -23.74 16.28 -8.21
CA GLU A 318 -23.21 15.01 -7.69
C GLU A 318 -23.56 14.81 -6.21
N ILE A 319 -24.27 13.72 -5.91
CA ILE A 319 -24.76 13.46 -4.55
C ILE A 319 -25.01 11.97 -4.25
N PHE A 320 -24.79 11.59 -2.99
CA PHE A 320 -24.83 10.19 -2.52
C PHE A 320 -25.85 10.05 -1.39
N GLY A 321 -26.53 8.90 -1.36
CA GLY A 321 -27.64 8.67 -0.45
C GLY A 321 -27.28 7.76 0.69
N MET A 322 -28.07 7.80 1.76
CA MET A 322 -27.81 7.02 2.98
C MET A 322 -28.01 5.51 2.84
N SER A 323 -28.66 5.04 1.79
CA SER A 323 -28.82 3.59 1.60
C SER A 323 -27.55 2.90 1.11
N ARG A 324 -26.63 3.71 0.57
CA ARG A 324 -25.26 3.29 0.20
C ARG A 324 -24.49 2.67 1.37
N PHE A 325 -24.76 3.19 2.59
CA PHE A 325 -24.10 2.77 3.82
C PHE A 325 -24.83 1.71 4.62
N ASN A 326 -25.89 1.12 4.10
CA ASN A 326 -26.57 0.00 4.76
C ASN A 326 -25.69 -1.22 4.53
N LEU A 327 -25.32 -1.92 5.59
CA LEU A 327 -24.65 -3.18 5.41
C LEU A 327 -25.67 -4.26 4.98
N LYS A 328 -26.93 -4.15 5.47
CA LYS A 328 -28.04 -5.01 5.00
C LYS A 328 -29.40 -4.32 5.30
N THR A 334 -39.36 3.11 5.05
CA THR A 334 -39.32 4.54 5.32
C THR A 334 -40.04 5.34 4.22
N GLY A 335 -40.82 6.36 4.63
CA GLY A 335 -41.36 7.39 3.73
C GLY A 335 -40.56 8.70 3.81
N ARG A 336 -39.39 8.64 4.46
CA ARG A 336 -38.45 9.75 4.61
C ARG A 336 -37.06 9.33 4.09
N PRO A 337 -36.66 9.83 2.89
CA PRO A 337 -35.29 9.62 2.40
C PRO A 337 -34.25 10.52 3.08
N THR A 338 -33.00 10.04 3.16
CA THR A 338 -31.88 10.74 3.81
C THR A 338 -30.63 10.74 2.90
N LEU A 339 -29.97 11.89 2.77
CA LEU A 339 -28.82 12.06 1.83
C LEU A 339 -27.56 12.57 2.53
N ILE A 340 -26.38 12.09 2.09
CA ILE A 340 -25.10 12.50 2.66
CA ILE A 340 -25.09 12.53 2.67
C ILE A 340 -24.61 13.78 1.94
N ILE A 341 -24.18 14.76 2.72
CA ILE A 341 -23.81 16.08 2.21
C ILE A 341 -22.35 16.34 2.60
N GLY A 342 -21.45 15.89 1.74
CA GLY A 342 -20.04 16.26 1.83
C GLY A 342 -19.94 17.71 1.43
N PHE A 343 -19.08 18.46 2.13
CA PHE A 343 -18.87 19.88 1.82
C PHE A 343 -17.38 20.28 1.81
N ALA A 344 -16.50 19.32 1.52
CA ALA A 344 -15.07 19.59 1.49
C ALA A 344 -14.62 20.21 0.15
N ARG A 345 -15.10 19.65 -0.96
CA ARG A 345 -14.78 20.15 -2.30
CA ARG A 345 -14.76 20.17 -2.30
C ARG A 345 -15.53 21.45 -2.57
N LEU A 346 -16.85 21.37 -2.49
CA LEU A 346 -17.79 22.48 -2.72
C LEU A 346 -17.24 23.92 -2.58
N LYS A 347 -17.15 24.63 -3.72
CA LYS A 347 -16.79 26.06 -3.72
C LYS A 347 -17.94 26.90 -3.19
N GLU A 348 -17.63 28.06 -2.62
CA GLU A 348 -18.64 28.90 -1.96
C GLU A 348 -19.64 29.51 -2.95
N GLU A 349 -19.13 30.04 -4.06
CA GLU A 349 -19.98 30.46 -5.20
C GLU A 349 -21.02 29.42 -5.69
N ASP A 350 -20.79 28.14 -5.45
CA ASP A 350 -21.76 27.07 -5.79
C ASP A 350 -22.74 26.70 -4.67
N ILE A 351 -22.65 27.31 -3.48
CA ILE A 351 -23.49 26.91 -2.36
C ILE A 351 -24.95 27.14 -2.77
N GLN A 352 -25.32 28.44 -2.87
CA GLN A 352 -26.67 28.92 -3.23
C GLN A 352 -27.27 28.16 -4.43
N GLU A 353 -26.48 28.01 -5.49
CA GLU A 353 -26.87 27.28 -6.71
C GLU A 353 -26.99 25.73 -6.56
N GLY A 354 -26.23 25.12 -5.64
CA GLY A 354 -26.36 23.69 -5.37
C GLY A 354 -27.57 23.42 -4.50
N VAL A 355 -27.66 24.21 -3.44
CA VAL A 355 -28.84 24.30 -2.59
C VAL A 355 -30.17 24.41 -3.38
N GLN A 356 -30.17 25.23 -4.44
CA GLN A 356 -31.30 25.28 -5.39
C GLN A 356 -31.52 24.00 -6.20
N ARG A 357 -30.44 23.48 -6.81
CA ARG A 357 -30.54 22.29 -7.66
C ARG A 357 -31.02 21.05 -6.88
N LEU A 358 -30.70 21.01 -5.57
CA LEU A 358 -31.19 19.96 -4.68
C LEU A 358 -32.70 20.09 -4.38
N PHE A 359 -33.23 21.31 -4.23
CA PHE A 359 -34.69 21.53 -4.10
C PHE A 359 -35.49 20.92 -5.26
N LYS A 360 -35.05 21.19 -6.50
CA LYS A 360 -35.77 20.73 -7.69
C LYS A 360 -35.69 19.23 -7.91
N ALA A 361 -34.65 18.60 -7.39
CA ALA A 361 -34.46 17.15 -7.50
C ALA A 361 -35.17 16.35 -6.39
N VAL A 362 -35.40 17.00 -5.25
CA VAL A 362 -36.23 16.44 -4.17
C VAL A 362 -37.69 16.32 -4.66
N TYR A 363 -38.18 17.40 -5.28
CA TYR A 363 -39.59 17.56 -5.59
C TYR A 363 -39.91 17.42 -7.10
N GLY A 364 -39.41 18.33 -7.94
CA GLY A 364 -39.63 18.27 -9.39
C GLY A 364 -39.53 19.63 -10.04
N SER B 1 31.66 3.32 12.00
CA SER B 1 30.61 3.85 11.07
C SER B 1 31.05 3.85 9.58
N ASP B 2 31.95 2.91 9.23
CA ASP B 2 32.51 2.79 7.86
C ASP B 2 32.26 1.38 7.30
N TRP B 3 30.99 1.12 6.97
CA TRP B 3 30.61 -0.16 6.40
C TRP B 3 30.74 -0.11 4.89
N ILE B 4 30.75 -1.30 4.29
CA ILE B 4 30.67 -1.51 2.83
C ILE B 4 29.53 -2.52 2.62
N SER B 5 28.76 -2.40 1.52
CA SER B 5 27.59 -3.25 1.33
C SER B 5 27.69 -4.09 0.07
N PHE B 6 27.61 -5.41 0.25
CA PHE B 6 27.23 -6.31 -0.82
C PHE B 6 25.75 -6.69 -0.71
N SER B 7 24.97 -5.91 0.06
CA SER B 7 23.53 -6.18 0.26
C SER B 7 22.77 -6.10 -1.02
N HIS B 8 21.90 -7.07 -1.24
CA HIS B 8 20.98 -7.11 -2.40
C HIS B 8 19.72 -6.33 -2.08
N MET B 9 19.55 -5.88 -0.84
CA MET B 9 18.34 -5.24 -0.35
C MET B 9 18.39 -3.70 -0.45
N SER B 10 19.32 -3.18 -1.29
CA SER B 10 19.70 -1.75 -1.34
C SER B 10 20.01 -1.25 -2.75
N SER B 11 19.93 0.07 -2.94
CA SER B 11 20.23 0.74 -4.21
C SER B 11 21.13 1.97 -4.08
N ASP B 12 21.72 2.36 -5.20
CA ASP B 12 22.45 3.61 -5.32
C ASP B 12 21.48 4.77 -5.18
N THR B 13 21.79 5.67 -4.25
CA THR B 13 21.13 6.96 -4.14
C THR B 13 21.84 7.98 -5.04
N ASP B 14 23.17 7.90 -5.04
CA ASP B 14 24.04 8.76 -5.87
C ASP B 14 23.73 8.67 -7.36
N HIS B 15 23.26 7.54 -7.84
CA HIS B 15 23.08 7.38 -9.30
C HIS B 15 21.63 7.59 -9.81
N PHE B 16 20.64 7.54 -8.90
CA PHE B 16 19.28 7.99 -9.20
C PHE B 16 19.23 9.48 -9.63
N PRO B 17 18.56 9.81 -10.76
CA PRO B 17 18.47 11.20 -11.18
C PRO B 17 17.36 11.91 -10.43
N ILE B 18 17.60 12.21 -9.17
CA ILE B 18 16.56 12.75 -8.29
C ILE B 18 16.07 14.13 -8.70
N LYS B 19 16.96 14.95 -9.27
CA LYS B 19 16.58 16.31 -9.67
C LYS B 19 15.61 16.23 -10.88
N SER B 20 15.84 15.26 -11.78
CA SER B 20 14.89 14.93 -12.84
C SER B 20 13.52 14.39 -12.29
N TRP B 21 13.57 13.51 -11.30
CA TRP B 21 12.34 13.02 -10.65
C TRP B 21 11.48 14.17 -10.11
N PHE B 22 12.12 15.13 -9.41
CA PHE B 22 11.39 16.30 -8.87
C PHE B 22 10.88 17.26 -9.94
N ARG B 23 11.60 17.35 -11.06
CA ARG B 23 11.19 18.20 -12.15
C ARG B 23 9.92 17.64 -12.76
N CYS B 24 9.96 16.34 -13.11
CA CYS B 24 8.75 15.61 -13.51
C CYS B 24 7.60 15.69 -12.47
N GLU B 25 7.89 15.52 -11.20
CA GLU B 25 6.86 15.70 -10.19
C GLU B 25 6.14 17.07 -10.34
N GLN B 26 6.91 18.15 -10.53
CA GLN B 26 6.31 19.53 -10.62
C GLN B 26 5.49 19.72 -11.91
N LYS B 27 6.09 19.37 -13.04
CA LYS B 27 5.44 19.34 -14.35
C LYS B 27 4.11 18.58 -14.26
N ALA B 28 4.12 17.47 -13.51
CA ALA B 28 2.97 16.60 -13.39
C ALA B 28 1.98 17.15 -12.37
N ALA B 29 2.49 17.72 -11.29
CA ALA B 29 1.63 18.32 -10.29
C ALA B 29 0.87 19.52 -10.81
N SER B 30 1.49 20.30 -11.70
CA SER B 30 0.89 21.51 -12.26
C SER B 30 -0.23 21.12 -13.19
N ARG B 31 0.09 20.28 -14.19
CA ARG B 31 -0.92 19.77 -15.17
C ARG B 31 -2.16 19.06 -14.57
N SER B 32 -2.04 18.42 -13.41
CA SER B 32 -3.17 17.66 -12.87
C SER B 32 -3.55 18.06 -11.46
N TYR B 33 -3.13 19.23 -10.99
CA TYR B 33 -3.37 19.58 -9.58
C TYR B 33 -4.84 19.39 -9.28
N ALA B 34 -5.68 19.94 -10.17
CA ALA B 34 -7.13 19.77 -10.14
C ALA B 34 -7.53 18.39 -9.59
N THR B 35 -7.00 17.34 -10.22
CA THR B 35 -7.46 15.95 -10.02
C THR B 35 -7.07 15.29 -8.69
N LEU B 36 -6.08 15.85 -7.99
CA LEU B 36 -5.58 15.20 -6.76
C LEU B 36 -6.55 15.35 -5.57
N GLY B 37 -7.60 16.16 -5.78
CA GLY B 37 -8.71 16.29 -4.84
C GLY B 37 -9.68 15.14 -4.81
N ASP B 38 -9.78 14.40 -5.92
CA ASP B 38 -10.58 13.16 -5.99
C ASP B 38 -9.64 11.99 -5.75
N MET B 39 -10.16 10.89 -5.21
CA MET B 39 -9.35 9.69 -5.00
C MET B 39 -9.10 8.98 -6.35
N SER B 40 -7.95 8.33 -6.45
CA SER B 40 -7.56 7.66 -7.69
C SER B 40 -8.51 6.50 -7.96
N HIS B 41 -8.89 6.30 -9.22
CA HIS B 41 -9.45 5.02 -9.69
C HIS B 41 -8.77 3.85 -8.96
N PRO B 42 -9.54 2.86 -8.48
CA PRO B 42 -8.97 1.77 -7.67
C PRO B 42 -7.79 1.02 -8.33
N GLN B 43 -7.89 0.77 -9.62
CA GLN B 43 -6.79 0.11 -10.34
C GLN B 43 -5.52 0.96 -10.56
N GLY B 44 -5.63 2.25 -10.34
CA GLY B 44 -4.61 3.18 -10.74
C GLY B 44 -5.17 4.17 -11.74
N ILE B 45 -4.55 5.32 -11.82
CA ILE B 45 -4.98 6.34 -12.73
C ILE B 45 -4.81 5.78 -14.14
N TYR B 46 -5.86 5.88 -14.97
CA TYR B 46 -5.82 5.36 -16.35
C TYR B 46 -4.55 5.73 -17.12
N GLU B 47 -4.19 6.99 -17.13
CA GLU B 47 -3.10 7.41 -17.98
C GLU B 47 -1.81 6.82 -17.46
N VAL B 48 -1.74 6.60 -16.13
CA VAL B 48 -0.57 5.96 -15.56
C VAL B 48 -0.51 4.50 -16.02
N ARG B 49 -1.63 3.77 -15.96
CA ARG B 49 -1.65 2.39 -16.51
C ARG B 49 -1.34 2.33 -18.00
N ALA B 50 -1.75 3.37 -18.71
CA ALA B 50 -1.45 3.50 -20.12
C ALA B 50 0.05 3.70 -20.30
N ALA B 51 0.63 4.58 -19.50
CA ALA B 51 2.08 4.86 -19.62
C ALA B 51 2.91 3.64 -19.31
N ILE B 52 2.59 2.99 -18.20
CA ILE B 52 3.24 1.70 -17.89
C ILE B 52 2.97 0.65 -18.98
N THR B 53 1.72 0.53 -19.43
CA THR B 53 1.44 -0.51 -20.43
C THR B 53 2.30 -0.39 -21.69
N ARG B 54 2.51 0.83 -22.23
CA ARG B 54 3.36 1.00 -23.42
C ARG B 54 4.78 0.50 -23.16
N LEU B 55 5.31 0.90 -22.01
CA LEU B 55 6.70 0.65 -21.63
C LEU B 55 7.10 -0.81 -21.50
N ILE B 56 6.29 -1.57 -20.78
CA ILE B 56 6.57 -2.98 -20.60
C ILE B 56 6.38 -3.72 -21.91
N SER B 57 5.40 -3.29 -22.73
CA SER B 57 5.15 -3.83 -24.06
CA SER B 57 5.18 -3.86 -24.06
C SER B 57 6.33 -3.56 -24.98
N LEU B 58 6.88 -2.35 -24.89
CA LEU B 58 8.18 -2.06 -25.52
C LEU B 58 9.32 -2.88 -24.92
N THR B 59 9.56 -2.78 -23.62
CA THR B 59 10.78 -3.35 -23.03
C THR B 59 10.78 -4.87 -22.78
N ARG B 60 9.60 -5.49 -22.80
CA ARG B 60 9.46 -6.91 -22.44
C ARG B 60 8.48 -7.74 -23.31
N GLY B 61 7.73 -7.09 -24.19
CA GLY B 61 6.83 -7.80 -25.11
C GLY B 61 5.51 -8.20 -24.49
N VAL B 62 5.16 -7.59 -23.36
CA VAL B 62 3.91 -7.87 -22.68
C VAL B 62 2.73 -7.40 -23.53
N LYS B 63 1.76 -8.29 -23.75
CA LYS B 63 0.53 -8.02 -24.52
C LYS B 63 -0.55 -7.62 -23.52
N CYS B 64 -0.95 -6.36 -23.41
CA CYS B 64 -2.13 -6.07 -22.57
C CYS B 64 -2.78 -4.72 -22.79
N ARG B 65 -4.08 -4.63 -22.56
CA ARG B 65 -4.78 -3.35 -22.43
C ARG B 65 -4.54 -2.77 -20.99
N PRO B 66 -4.61 -1.42 -20.81
CA PRO B 66 -4.45 -0.84 -19.48
C PRO B 66 -5.55 -1.19 -18.53
N GLU B 67 -6.69 -1.62 -19.06
CA GLU B 67 -7.84 -2.02 -18.24
C GLU B 67 -7.48 -3.28 -17.39
N GLN B 68 -6.49 -4.05 -17.85
CA GLN B 68 -6.09 -5.27 -17.20
C GLN B 68 -5.10 -5.03 -16.06
N MET B 69 -4.63 -3.79 -15.92
CA MET B 69 -3.56 -3.49 -14.97
C MET B 69 -4.09 -3.09 -13.59
N ILE B 70 -3.38 -3.54 -12.56
CA ILE B 70 -3.63 -3.09 -11.21
C ILE B 70 -2.31 -2.63 -10.64
N ILE B 71 -2.33 -1.41 -10.08
CA ILE B 71 -1.23 -0.78 -9.34
C ILE B 71 -1.70 -0.74 -7.88
N GLY B 72 -0.88 -0.91 -6.85
CA GLY B 72 0.53 -1.13 -6.90
C GLY B 72 1.44 -0.66 -5.76
N ALA B 73 1.08 -0.67 -4.48
CA ALA B 73 2.10 -0.22 -3.46
C ALA B 73 3.09 -1.31 -3.01
N GLY B 74 3.75 -1.94 -3.99
CA GLY B 74 4.55 -3.11 -3.73
C GLY B 74 3.89 -4.39 -4.14
N THR B 75 4.70 -5.36 -4.54
CA THR B 75 4.25 -6.68 -4.92
C THR B 75 3.38 -7.44 -3.88
N GLN B 76 3.70 -7.32 -2.59
CA GLN B 76 3.00 -8.13 -1.61
C GLN B 76 1.58 -7.66 -1.54
N VAL B 77 1.33 -6.40 -1.84
CA VAL B 77 -0.05 -5.96 -1.77
C VAL B 77 -0.80 -6.44 -2.99
N LEU B 78 -0.13 -6.52 -4.14
CA LEU B 78 -0.78 -7.14 -5.31
C LEU B 78 -0.88 -8.67 -5.18
N MET B 79 0.16 -9.30 -4.69
CA MET B 79 0.17 -10.75 -4.51
C MET B 79 -0.95 -11.15 -3.53
N GLN B 80 -1.09 -10.43 -2.43
CA GLN B 80 -2.19 -10.61 -1.47
C GLN B 80 -3.55 -10.52 -2.20
N LEU B 81 -3.80 -9.43 -2.92
CA LEU B 81 -5.01 -9.32 -3.71
C LEU B 81 -5.14 -10.52 -4.64
N LEU B 82 -4.03 -10.96 -5.23
CA LEU B 82 -4.12 -12.00 -6.26
C LEU B 82 -4.60 -13.32 -5.70
N THR B 83 -4.02 -13.75 -4.59
CA THR B 83 -4.56 -14.88 -3.81
C THR B 83 -6.07 -14.76 -3.56
N GLU B 84 -6.54 -13.63 -3.10
CA GLU B 84 -8.01 -13.43 -3.00
C GLU B 84 -8.82 -13.58 -4.32
N LEU B 85 -8.19 -13.54 -5.49
CA LEU B 85 -8.86 -13.64 -6.81
C LEU B 85 -8.68 -15.03 -7.47
N LEU B 86 -7.57 -15.70 -7.19
CA LEU B 86 -7.39 -17.09 -7.56
C LEU B 86 -8.29 -17.92 -6.62
N PRO B 87 -8.58 -19.18 -7.01
CA PRO B 87 -9.41 -20.09 -6.23
C PRO B 87 -8.86 -20.40 -4.84
N LYS B 88 -9.71 -20.33 -3.81
CA LYS B 88 -9.28 -20.32 -2.38
C LYS B 88 -8.38 -21.51 -2.06
N GLU B 89 -8.73 -22.65 -2.64
CA GLU B 89 -8.10 -23.93 -2.34
C GLU B 89 -6.96 -24.29 -3.33
N ALA B 90 -6.51 -23.30 -4.11
CA ALA B 90 -5.55 -23.53 -5.19
C ALA B 90 -4.20 -23.81 -4.60
N VAL B 91 -3.42 -24.66 -5.26
CA VAL B 91 -2.16 -25.15 -4.72
C VAL B 91 -1.02 -24.44 -5.41
N TYR B 92 -0.20 -23.72 -4.64
CA TYR B 92 0.83 -22.85 -5.19
C TYR B 92 2.15 -23.58 -5.31
N ALA B 93 2.97 -23.14 -6.26
CA ALA B 93 4.28 -23.73 -6.42
C ALA B 93 5.33 -22.65 -6.63
N MET B 94 6.34 -22.63 -5.75
CA MET B 94 7.38 -21.61 -5.76
C MET B 94 8.72 -22.28 -5.98
N GLU B 95 9.71 -21.48 -6.36
CA GLU B 95 11.05 -21.96 -6.68
C GLU B 95 11.80 -22.22 -5.38
N GLU B 96 12.85 -23.02 -5.46
CA GLU B 96 13.55 -23.53 -4.30
C GLU B 96 15.01 -23.58 -4.64
N PRO B 97 15.81 -22.60 -4.21
CA PRO B 97 15.40 -21.44 -3.41
C PRO B 97 14.58 -20.35 -4.15
N GLY B 98 13.92 -19.52 -3.33
CA GLY B 98 12.83 -18.64 -3.78
C GLY B 98 12.81 -17.29 -3.09
N TYR B 99 11.84 -16.47 -3.44
CA TYR B 99 11.57 -15.23 -2.72
C TYR B 99 10.84 -15.60 -1.45
N ARG B 100 11.61 -16.02 -0.43
CA ARG B 100 11.04 -16.38 0.89
C ARG B 100 9.91 -15.45 1.45
N ARG B 101 9.97 -14.13 1.28
CA ARG B 101 8.87 -13.25 1.77
C ARG B 101 7.51 -13.59 1.16
N MET B 102 7.52 -13.94 -0.12
CA MET B 102 6.31 -14.33 -0.79
C MET B 102 5.87 -15.73 -0.32
N TYR B 103 6.83 -16.61 0.00
CA TYR B 103 6.49 -17.92 0.53
C TYR B 103 5.71 -17.75 1.86
N GLN B 104 6.33 -16.99 2.75
CA GLN B 104 5.77 -16.62 4.06
C GLN B 104 4.39 -15.97 3.96
N LEU B 105 4.21 -15.06 3.00
CA LEU B 105 2.87 -14.51 2.72
C LEU B 105 1.86 -15.59 2.37
N LEU B 106 2.25 -16.51 1.48
CA LEU B 106 1.33 -17.56 0.97
C LEU B 106 0.96 -18.50 2.10
N LYS B 107 1.97 -18.91 2.88
CA LYS B 107 1.75 -19.75 4.07
C LYS B 107 0.84 -19.04 5.05
N ASN B 108 1.05 -17.75 5.21
CA ASN B 108 0.29 -16.98 6.18
C ASN B 108 -1.16 -16.83 5.81
N ALA B 109 -1.49 -16.99 4.55
CA ALA B 109 -2.88 -17.10 4.12
C ALA B 109 -3.32 -18.55 4.18
N GLY B 110 -2.53 -19.40 4.83
CA GLY B 110 -2.74 -20.84 4.88
C GLY B 110 -2.88 -21.56 3.56
N LYS B 111 -2.10 -21.14 2.56
CA LYS B 111 -2.14 -21.77 1.25
C LYS B 111 -1.11 -22.87 1.25
N GLN B 112 -1.39 -23.94 0.52
CA GLN B 112 -0.43 -25.01 0.35
CA GLN B 112 -0.42 -25.02 0.38
C GLN B 112 0.54 -24.59 -0.73
N VAL B 113 1.83 -24.71 -0.43
CA VAL B 113 2.89 -24.27 -1.33
C VAL B 113 3.88 -25.39 -1.49
N LYS B 114 3.89 -25.98 -2.68
CA LYS B 114 4.87 -26.99 -3.01
C LYS B 114 6.10 -26.21 -3.39
N THR B 115 7.26 -26.86 -3.28
CA THR B 115 8.51 -26.21 -3.64
C THR B 115 9.23 -27.01 -4.73
N ILE B 116 9.64 -26.31 -5.79
CA ILE B 116 10.24 -26.91 -6.97
C ILE B 116 11.75 -26.65 -6.99
N MET B 117 12.58 -27.70 -7.02
CA MET B 117 14.02 -27.47 -7.10
C MET B 117 14.31 -26.91 -8.49
N LEU B 118 15.50 -26.40 -8.71
CA LEU B 118 15.89 -25.83 -10.01
C LEU B 118 16.91 -26.72 -10.66
N ASP B 119 17.00 -26.62 -11.98
CA ASP B 119 18.08 -27.24 -12.73
C ASP B 119 18.78 -26.16 -13.56
N GLU B 120 19.47 -26.55 -14.61
CA GLU B 120 20.35 -25.61 -15.34
C GLU B 120 19.50 -24.60 -16.13
N LYS B 121 18.30 -25.00 -16.55
CA LYS B 121 17.34 -24.15 -17.28
C LYS B 121 16.26 -23.47 -16.38
N GLY B 122 16.42 -23.58 -15.06
CA GLY B 122 15.56 -22.90 -14.09
C GLY B 122 14.56 -23.82 -13.42
N MET B 123 13.36 -23.28 -13.17
CA MET B 123 12.36 -23.98 -12.40
C MET B 123 12.04 -25.26 -13.17
N SER B 124 12.20 -26.42 -12.51
CA SER B 124 12.02 -27.74 -13.12
C SER B 124 10.59 -28.06 -13.53
N ILE B 125 10.41 -28.46 -14.80
CA ILE B 125 9.10 -28.84 -15.37
C ILE B 125 8.77 -30.31 -15.04
N ALA B 126 9.78 -31.15 -14.78
CA ALA B 126 9.55 -32.48 -14.20
C ALA B 126 8.96 -32.37 -12.79
N GLU B 127 9.61 -31.63 -11.90
CA GLU B 127 9.07 -31.50 -10.54
C GLU B 127 7.65 -30.95 -10.56
N ILE B 128 7.37 -30.03 -11.48
CA ILE B 128 6.03 -29.40 -11.57
C ILE B 128 4.98 -30.43 -11.91
N THR B 129 5.25 -31.27 -12.92
CA THR B 129 4.31 -32.32 -13.33
C THR B 129 4.18 -33.40 -12.25
N ARG B 130 5.30 -33.68 -11.57
CA ARG B 130 5.28 -34.63 -10.47
C ARG B 130 4.44 -34.08 -9.32
N GLN B 131 4.70 -32.84 -8.93
CA GLN B 131 4.02 -32.28 -7.75
C GLN B 131 2.63 -31.72 -8.06
N GLN B 132 2.25 -31.65 -9.34
CA GLN B 132 0.87 -31.27 -9.74
C GLN B 132 0.21 -30.13 -8.89
N PRO B 133 0.78 -28.90 -8.93
CA PRO B 133 0.15 -27.72 -8.35
C PRO B 133 -0.84 -27.05 -9.32
N ASP B 134 -1.43 -25.92 -8.93
CA ASP B 134 -2.27 -25.12 -9.82
C ASP B 134 -1.70 -23.76 -10.20
N VAL B 135 -0.75 -23.25 -9.43
CA VAL B 135 -0.24 -21.91 -9.63
C VAL B 135 1.26 -21.86 -9.39
N LEU B 136 1.98 -21.56 -10.46
CA LEU B 136 3.41 -21.39 -10.38
C LEU B 136 3.73 -19.94 -10.12
N VAL B 137 4.81 -19.69 -9.40
CA VAL B 137 5.35 -18.37 -9.18
C VAL B 137 6.79 -18.55 -9.55
N THR B 138 7.25 -17.80 -10.56
CA THR B 138 8.59 -18.02 -11.16
C THR B 138 9.22 -16.71 -11.54
N THR B 139 10.56 -16.67 -11.53
CA THR B 139 11.32 -15.46 -11.83
C THR B 139 12.22 -15.71 -13.03
N PRO B 140 11.65 -15.58 -14.23
CA PRO B 140 12.36 -16.06 -15.41
C PRO B 140 13.55 -15.23 -15.86
N SER B 141 13.50 -13.92 -15.64
CA SER B 141 14.58 -13.01 -16.09
C SER B 141 15.88 -13.20 -15.31
N HIS B 142 15.75 -13.46 -14.03
CA HIS B 142 16.90 -13.63 -13.18
C HIS B 142 16.42 -14.36 -11.93
N GLN B 143 16.57 -15.69 -11.91
CA GLN B 143 15.94 -16.47 -10.85
C GLN B 143 16.44 -15.92 -9.51
N PHE B 144 15.50 -15.68 -8.60
CA PHE B 144 15.78 -15.10 -7.30
C PHE B 144 15.74 -16.22 -6.23
N PRO B 145 16.89 -16.64 -5.70
CA PRO B 145 18.15 -15.90 -5.73
C PRO B 145 19.19 -16.44 -6.68
N SER B 146 19.00 -17.67 -7.18
CA SER B 146 20.10 -18.45 -7.80
C SER B 146 20.74 -17.78 -9.00
N GLY B 147 19.98 -16.94 -9.68
CA GLY B 147 20.47 -16.09 -10.77
C GLY B 147 20.23 -16.63 -12.18
N THR B 148 20.01 -17.94 -12.27
CA THR B 148 19.67 -18.61 -13.54
C THR B 148 18.68 -17.81 -14.36
N ILE B 149 18.95 -17.68 -15.67
CA ILE B 149 18.01 -17.07 -16.65
C ILE B 149 17.22 -18.17 -17.36
N MET B 150 15.90 -18.08 -17.38
CA MET B 150 15.08 -19.18 -17.84
C MET B 150 15.08 -19.10 -19.34
N PRO B 151 15.56 -20.16 -20.03
CA PRO B 151 15.53 -20.10 -21.47
C PRO B 151 14.12 -20.27 -21.99
N VAL B 152 13.97 -20.07 -23.29
CA VAL B 152 12.68 -20.02 -23.93
C VAL B 152 12.05 -21.42 -23.93
N SER B 153 12.86 -22.45 -24.15
CA SER B 153 12.38 -23.83 -24.13
C SER B 153 11.56 -24.07 -22.83
N ARG B 154 12.19 -23.79 -21.69
CA ARG B 154 11.55 -23.95 -20.39
C ARG B 154 10.35 -23.02 -20.21
N ARG B 155 10.41 -21.80 -20.75
CA ARG B 155 9.26 -20.91 -20.71
C ARG B 155 8.05 -21.58 -21.36
N ILE B 156 8.28 -22.24 -22.49
CA ILE B 156 7.24 -22.93 -23.26
C ILE B 156 6.70 -24.12 -22.49
N GLN B 157 7.61 -24.97 -22.01
CA GLN B 157 7.25 -26.14 -21.20
C GLN B 157 6.28 -25.74 -20.04
N LEU B 158 6.64 -24.70 -19.31
CA LEU B 158 5.75 -24.11 -18.31
C LEU B 158 4.37 -23.71 -18.87
N LEU B 159 4.36 -23.11 -20.06
CA LEU B 159 3.14 -22.63 -20.71
C LEU B 159 2.26 -23.73 -21.23
N ASN B 160 2.89 -24.78 -21.78
CA ASN B 160 2.16 -25.94 -22.27
C ASN B 160 1.53 -26.55 -21.06
N TRP B 161 2.34 -26.81 -20.04
CA TRP B 161 1.80 -27.29 -18.74
C TRP B 161 0.57 -26.51 -18.22
N ALA B 162 0.56 -25.20 -18.38
CA ALA B 162 -0.57 -24.42 -17.90
C ALA B 162 -1.86 -24.53 -18.73
N ASN B 163 -1.78 -24.87 -20.03
CA ASN B 163 -3.04 -25.13 -20.77
C ASN B 163 -3.41 -26.59 -21.03
N GLU B 164 -2.60 -27.53 -20.54
CA GLU B 164 -3.02 -28.94 -20.44
C GLU B 164 -4.34 -29.12 -19.70
N GLU B 165 -4.50 -28.38 -18.61
CA GLU B 165 -5.69 -28.47 -17.76
C GLU B 165 -6.22 -27.05 -17.48
N PRO B 166 -7.51 -26.91 -17.11
CA PRO B 166 -7.97 -25.57 -16.78
C PRO B 166 -7.53 -25.17 -15.36
N ARG B 167 -7.79 -23.92 -15.00
CA ARG B 167 -7.58 -23.44 -13.63
C ARG B 167 -6.12 -23.52 -13.16
N ARG B 168 -5.20 -23.45 -14.11
CA ARG B 168 -3.76 -23.40 -13.85
C ARG B 168 -3.31 -22.02 -14.26
N TYR B 169 -2.39 -21.46 -13.49
CA TYR B 169 -1.93 -20.10 -13.71
C TYR B 169 -0.45 -20.02 -13.48
N ILE B 170 0.18 -19.02 -14.11
CA ILE B 170 1.59 -18.71 -13.88
C ILE B 170 1.71 -17.26 -13.44
N ILE B 171 2.45 -17.03 -12.36
CA ILE B 171 2.72 -15.69 -11.89
C ILE B 171 4.17 -15.39 -12.28
N GLU B 172 4.31 -14.53 -13.27
CA GLU B 172 5.59 -14.13 -13.76
C GLU B 172 5.97 -12.89 -12.99
N ASP B 173 6.95 -13.08 -12.12
CA ASP B 173 7.45 -12.04 -11.26
C ASP B 173 8.64 -11.61 -12.02
N ASP B 174 8.53 -10.48 -12.71
CA ASP B 174 9.62 -10.00 -13.54
C ASP B 174 10.60 -9.04 -12.83
N TYR B 175 10.85 -9.31 -11.56
CA TYR B 175 11.77 -8.55 -10.72
C TYR B 175 13.13 -8.67 -11.31
N ASP B 176 13.81 -7.52 -11.45
CA ASP B 176 15.23 -7.42 -11.80
C ASP B 176 15.44 -7.78 -13.25
N SER B 177 14.46 -7.42 -14.08
CA SER B 177 14.46 -7.73 -15.50
C SER B 177 14.99 -6.60 -16.35
N GLU B 178 15.20 -5.43 -15.76
CA GLU B 178 15.52 -4.22 -16.53
C GLU B 178 16.90 -4.31 -17.16
N PHE B 179 17.82 -5.06 -16.55
CA PHE B 179 19.21 -5.14 -17.01
C PHE B 179 19.56 -6.58 -17.32
N THR B 180 20.14 -6.80 -18.49
CA THR B 180 20.71 -8.10 -18.82
C THR B 180 21.98 -7.86 -19.67
N TYR B 181 23.08 -8.55 -19.30
CA TYR B 181 24.46 -8.07 -19.57
C TYR B 181 25.25 -8.55 -20.83
N ASP B 182 25.59 -9.84 -20.90
CA ASP B 182 26.28 -10.38 -22.10
C ASP B 182 25.41 -11.42 -22.83
N VAL B 183 24.10 -11.16 -22.83
CA VAL B 183 23.07 -11.90 -23.58
C VAL B 183 21.98 -10.86 -23.89
N GLU B 184 21.07 -11.18 -24.81
CA GLU B 184 19.94 -10.27 -25.09
C GLU B 184 18.76 -10.63 -24.19
N SER B 185 17.85 -9.67 -24.03
CA SER B 185 16.67 -9.91 -23.25
C SER B 185 15.87 -11.00 -23.97
N ILE B 186 15.34 -11.93 -23.19
CA ILE B 186 14.38 -12.91 -23.66
C ILE B 186 13.03 -12.26 -23.38
N PRO B 187 12.07 -12.42 -24.28
CA PRO B 187 10.81 -11.77 -23.97
C PRO B 187 9.94 -12.63 -23.00
N ALA B 188 9.06 -11.92 -22.30
CA ALA B 188 8.37 -12.44 -21.13
C ALA B 188 7.57 -13.72 -21.41
N LEU B 189 7.41 -14.56 -20.38
CA LEU B 189 6.47 -15.65 -20.47
C LEU B 189 5.17 -15.11 -21.02
N GLN B 190 4.75 -13.94 -20.54
CA GLN B 190 3.41 -13.45 -20.87
C GLN B 190 3.24 -13.20 -22.38
N SER B 191 4.31 -12.77 -23.04
CA SER B 191 4.34 -12.55 -24.51
C SER B 191 4.16 -13.83 -25.31
N LEU B 192 4.90 -14.87 -24.91
CA LEU B 192 4.76 -16.21 -25.53
C LEU B 192 3.41 -16.90 -25.32
N ASP B 193 2.72 -16.59 -24.23
CA ASP B 193 1.41 -17.20 -23.97
C ASP B 193 0.37 -16.77 -25.03
N ARG B 194 -0.44 -17.70 -25.49
CA ARG B 194 -1.59 -17.39 -26.36
C ARG B 194 -2.92 -17.58 -25.65
N PHE B 195 -2.89 -18.16 -24.45
CA PHE B 195 -4.08 -18.59 -23.73
C PHE B 195 -4.28 -17.89 -22.39
N GLN B 196 -3.53 -16.82 -22.15
CA GLN B 196 -3.77 -15.93 -21.05
C GLN B 196 -3.88 -16.68 -19.72
N ASN B 197 -2.86 -17.49 -19.42
CA ASN B 197 -2.71 -18.14 -18.13
C ASN B 197 -1.55 -17.51 -17.33
N VAL B 198 -1.13 -16.30 -17.68
CA VAL B 198 0.01 -15.68 -17.02
C VAL B 198 -0.49 -14.40 -16.36
N ILE B 199 -0.01 -14.16 -15.15
CA ILE B 199 -0.17 -12.90 -14.43
C ILE B 199 1.24 -12.30 -14.33
N TYR B 200 1.46 -11.21 -15.06
CA TYR B 200 2.77 -10.60 -15.18
C TYR B 200 2.78 -9.59 -14.06
N MET B 201 3.84 -9.64 -13.26
CA MET B 201 4.04 -8.68 -12.17
C MET B 201 5.33 -7.96 -12.37
N GLY B 202 5.32 -6.67 -12.03
CA GLY B 202 6.52 -5.87 -12.13
C GLY B 202 6.62 -4.81 -11.08
N THR B 203 7.82 -4.27 -10.91
CA THR B 203 8.04 -3.23 -9.93
C THR B 203 9.07 -2.14 -10.36
N PHE B 204 8.80 -0.92 -9.96
CA PHE B 204 9.72 0.14 -10.23
C PHE B 204 10.73 0.33 -9.13
N SER B 205 10.54 -0.40 -8.03
CA SER B 205 11.48 -0.40 -6.92
C SER B 205 12.91 -0.56 -7.38
N LYS B 206 13.15 -1.58 -8.22
CA LYS B 206 14.51 -1.94 -8.59
C LYS B 206 15.16 -0.92 -9.49
N SER B 207 14.36 -0.29 -10.35
CA SER B 207 14.84 0.65 -11.36
C SER B 207 14.82 2.11 -10.91
N LEU B 208 14.25 2.37 -9.76
CA LEU B 208 14.14 3.72 -9.23
C LEU B 208 14.82 3.65 -7.87
N LEU B 209 14.09 3.81 -6.78
CA LEU B 209 14.61 3.53 -5.47
C LEU B 209 13.64 2.60 -4.78
N PRO B 210 14.12 1.69 -3.88
CA PRO B 210 13.24 0.85 -3.05
C PRO B 210 12.19 1.63 -2.29
N GLY B 211 12.54 2.83 -1.84
CA GLY B 211 11.62 3.71 -1.15
C GLY B 211 10.39 4.22 -1.90
N LEU B 212 10.30 4.02 -3.22
CA LEU B 212 9.18 4.61 -3.94
C LEU B 212 7.88 3.85 -3.74
N ARG B 213 7.92 2.54 -3.91
CA ARG B 213 6.75 1.67 -3.61
C ARG B 213 5.66 1.79 -4.66
N ILE B 214 6.03 1.45 -5.89
CA ILE B 214 5.11 1.37 -6.99
C ILE B 214 5.39 0.17 -7.91
N SER B 215 4.41 -0.74 -7.96
CA SER B 215 4.49 -2.04 -8.61
C SER B 215 3.19 -2.21 -9.34
N TYR B 216 3.09 -3.24 -10.18
CA TYR B 216 1.90 -3.44 -11.01
C TYR B 216 1.72 -4.89 -11.40
N MET B 217 0.48 -5.32 -11.58
CA MET B 217 0.23 -6.59 -12.25
C MET B 217 -0.77 -6.49 -13.38
N VAL B 218 -0.63 -7.40 -14.33
CA VAL B 218 -1.51 -7.50 -15.48
C VAL B 218 -2.36 -8.79 -15.34
N LEU B 219 -3.67 -8.59 -15.33
CA LEU B 219 -4.60 -9.68 -15.00
C LEU B 219 -5.30 -10.17 -16.26
N PRO B 220 -5.37 -11.51 -16.48
CA PRO B 220 -6.14 -12.03 -17.59
C PRO B 220 -7.63 -11.85 -17.34
N PRO B 221 -8.44 -11.61 -18.38
CA PRO B 221 -9.87 -11.27 -18.26
C PRO B 221 -10.67 -12.00 -17.19
N GLU B 222 -10.41 -13.28 -17.02
CA GLU B 222 -11.18 -14.09 -16.05
C GLU B 222 -11.02 -13.48 -14.67
N LEU B 223 -9.75 -13.35 -14.27
CA LEU B 223 -9.32 -12.79 -12.99
C LEU B 223 -9.61 -11.27 -12.86
N LEU B 224 -9.49 -10.51 -13.94
CA LEU B 224 -9.93 -9.11 -13.91
C LEU B 224 -11.40 -9.02 -13.58
N ARG B 225 -12.24 -9.89 -14.16
CA ARG B 225 -13.69 -9.96 -13.84
C ARG B 225 -13.85 -10.14 -12.35
N ALA B 226 -13.16 -11.15 -11.81
CA ALA B 226 -13.17 -11.42 -10.37
C ALA B 226 -12.81 -10.19 -9.55
N TYR B 227 -11.76 -9.46 -9.96
CA TYR B 227 -11.38 -8.19 -9.30
C TYR B 227 -12.54 -7.20 -9.29
N LYS B 228 -13.21 -7.05 -10.43
CA LYS B 228 -14.25 -6.02 -10.56
C LYS B 228 -15.51 -6.33 -9.74
N GLN B 229 -15.76 -7.62 -9.54
CA GLN B 229 -16.88 -8.08 -8.75
C GLN B 229 -16.79 -7.76 -7.25
N ARG B 230 -15.58 -7.44 -6.73
CA ARG B 230 -15.42 -7.06 -5.31
C ARG B 230 -15.92 -5.64 -5.03
N GLY B 231 -15.68 -4.72 -5.97
CA GLY B 231 -16.09 -3.32 -5.83
C GLY B 231 -15.45 -2.43 -4.74
N TYR B 232 -15.03 -3.02 -3.62
CA TYR B 232 -14.62 -2.26 -2.43
C TYR B 232 -13.20 -1.71 -2.43
N ASP B 233 -12.34 -2.16 -3.36
CA ASP B 233 -10.89 -1.83 -3.30
C ASP B 233 -10.56 -0.39 -3.50
N LEU B 234 -9.45 0.00 -2.91
CA LEU B 234 -8.94 1.35 -2.91
C LEU B 234 -7.46 1.34 -3.25
N GLN B 235 -7.07 2.25 -4.13
CA GLN B 235 -5.70 2.28 -4.65
C GLN B 235 -4.73 2.61 -3.51
N THR B 236 -3.56 1.96 -3.51
CA THR B 236 -2.55 2.15 -2.47
C THR B 236 -1.43 3.12 -2.81
N CYS B 237 -1.16 3.39 -4.10
CA CYS B 237 -0.18 4.44 -4.47
C CYS B 237 -0.73 5.86 -4.44
N SER B 238 0.08 6.76 -3.88
CA SER B 238 -0.20 8.21 -3.88
C SER B 238 -0.40 8.62 -5.33
N SER B 239 -1.43 9.40 -5.59
CA SER B 239 -1.74 9.84 -6.95
C SER B 239 -0.60 10.66 -7.53
N LEU B 240 0.03 11.49 -6.69
CA LEU B 240 1.18 12.29 -7.12
C LEU B 240 2.36 11.43 -7.56
N THR B 241 2.57 10.33 -6.86
CA THR B 241 3.58 9.37 -7.25
C THR B 241 3.23 8.72 -8.57
N GLN B 242 1.97 8.35 -8.72
CA GLN B 242 1.55 7.65 -9.93
C GLN B 242 1.80 8.56 -11.12
N LEU B 243 1.47 9.84 -10.93
CA LEU B 243 1.64 10.85 -11.98
C LEU B 243 3.08 11.26 -12.21
N THR B 244 3.86 11.32 -11.13
CA THR B 244 5.25 11.65 -11.27
C THR B 244 5.81 10.58 -12.18
N LEU B 245 5.63 9.31 -11.82
CA LEU B 245 6.08 8.20 -12.67
C LEU B 245 5.63 8.36 -14.12
N GLN B 246 4.33 8.65 -14.32
CA GLN B 246 3.80 8.80 -15.67
C GLN B 246 4.66 9.76 -16.43
N GLU B 247 4.85 10.95 -15.86
CA GLU B 247 5.67 12.00 -16.47
C GLU B 247 7.12 11.59 -16.61
N PHE B 248 7.65 10.86 -15.65
CA PHE B 248 9.02 10.38 -15.71
C PHE B 248 9.23 9.37 -16.87
N ILE B 249 8.17 8.68 -17.30
CA ILE B 249 8.29 7.73 -18.42
C ILE B 249 8.14 8.41 -19.76
N GLU B 250 7.09 9.25 -19.85
CA GLU B 250 6.69 9.88 -21.11
C GLU B 250 7.74 10.88 -21.58
N SER B 251 8.22 11.74 -20.68
CA SER B 251 9.39 12.61 -20.91
C SER B 251 10.65 11.91 -21.48
N GLY B 252 10.79 10.61 -21.26
CA GLY B 252 11.93 9.85 -21.80
C GLY B 252 12.98 9.68 -20.72
N GLU B 253 12.82 10.33 -19.56
CA GLU B 253 13.80 10.22 -18.49
C GLU B 253 13.98 8.76 -18.04
N TYR B 254 12.88 8.07 -17.68
CA TYR B 254 12.99 6.67 -17.25
C TYR B 254 13.81 5.85 -18.26
N GLN B 255 13.39 5.89 -19.52
CA GLN B 255 14.12 5.20 -20.62
C GLN B 255 15.65 5.57 -20.67
N LYS B 256 15.97 6.82 -20.35
CA LYS B 256 17.36 7.35 -20.29
C LYS B 256 18.16 6.91 -19.04
N HIS B 257 17.48 6.90 -17.89
CA HIS B 257 18.02 6.31 -16.67
C HIS B 257 18.37 4.86 -16.90
N ILE B 258 17.45 4.07 -17.43
CA ILE B 258 17.70 2.65 -17.69
C ILE B 258 18.97 2.41 -18.53
N LYS B 259 19.18 3.19 -19.60
CA LYS B 259 20.33 3.02 -20.51
C LYS B 259 21.66 3.38 -19.82
N LYS B 260 21.64 4.49 -19.08
CA LYS B 260 22.79 4.96 -18.26
C LYS B 260 23.17 3.97 -17.16
N MET B 261 22.17 3.47 -16.44
CA MET B 261 22.38 2.48 -15.38
C MET B 261 22.75 1.10 -15.90
N LYS B 262 22.18 0.67 -17.02
CA LYS B 262 22.59 -0.58 -17.64
C LYS B 262 24.12 -0.60 -17.78
N GLN B 263 24.68 0.50 -18.32
CA GLN B 263 26.13 0.57 -18.56
CA GLN B 263 26.14 0.69 -18.56
C GLN B 263 26.90 0.72 -17.24
N HIS B 264 26.36 1.48 -16.30
CA HIS B 264 27.00 1.66 -15.00
C HIS B 264 27.15 0.34 -14.23
N TYR B 265 26.06 -0.42 -14.16
CA TYR B 265 26.05 -1.72 -13.49
C TYR B 265 26.70 -2.83 -14.29
N LYS B 266 26.84 -2.68 -15.61
CA LYS B 266 27.65 -3.65 -16.35
C LYS B 266 29.13 -3.48 -15.98
N GLU B 267 29.59 -2.23 -15.91
CA GLU B 267 30.98 -1.93 -15.57
C GLU B 267 31.27 -2.32 -14.13
N LYS B 268 30.32 -2.10 -13.23
CA LYS B 268 30.57 -2.39 -11.83
C LYS B 268 30.60 -3.88 -11.63
N ARG B 269 29.79 -4.59 -12.41
CA ARG B 269 29.76 -6.04 -12.31
C ARG B 269 31.08 -6.63 -12.85
N GLU B 270 31.59 -6.12 -13.97
CA GLU B 270 32.89 -6.54 -14.50
C GLU B 270 33.93 -6.29 -13.41
N ARG B 271 34.10 -5.01 -13.04
CA ARG B 271 35.08 -4.63 -12.02
C ARG B 271 35.03 -5.65 -10.90
N LEU B 272 33.84 -5.87 -10.37
CA LEU B 272 33.68 -6.67 -9.15
C LEU B 272 33.98 -8.14 -9.33
N ILE B 273 33.47 -8.75 -10.40
CA ILE B 273 33.78 -10.15 -10.72
C ILE B 273 35.28 -10.36 -11.00
N THR B 274 35.91 -9.41 -11.71
CA THR B 274 37.37 -9.43 -11.90
C THR B 274 38.09 -9.34 -10.55
N ALA B 275 37.66 -8.43 -9.70
CA ALA B 275 38.27 -8.29 -8.41
C ALA B 275 38.16 -9.61 -7.62
N LEU B 276 36.98 -10.21 -7.64
CA LEU B 276 36.72 -11.45 -6.86
C LEU B 276 37.58 -12.63 -7.33
N GLU B 277 37.64 -12.84 -8.64
CA GLU B 277 38.49 -13.88 -9.26
CA GLU B 277 38.45 -13.93 -9.18
C GLU B 277 39.93 -13.73 -8.78
N ALA B 278 40.37 -12.46 -8.67
CA ALA B 278 41.72 -12.11 -8.26
C ALA B 278 41.99 -12.45 -6.78
N GLU B 279 41.54 -11.64 -5.82
CA GLU B 279 41.85 -11.92 -4.41
C GLU B 279 41.18 -13.17 -3.80
N PHE B 280 40.48 -13.98 -4.59
CA PHE B 280 40.05 -15.35 -4.18
C PHE B 280 40.75 -16.49 -4.96
N SER B 281 41.44 -16.17 -6.04
CA SER B 281 42.40 -17.08 -6.69
C SER B 281 41.76 -18.37 -7.27
N GLY B 282 40.46 -18.38 -7.51
CA GLY B 282 39.77 -19.60 -7.99
C GLY B 282 39.16 -20.47 -6.89
N GLU B 283 39.39 -20.11 -5.62
CA GLU B 283 38.63 -20.71 -4.50
C GLU B 283 37.13 -20.38 -4.57
N VAL B 284 36.75 -19.43 -5.43
CA VAL B 284 35.39 -18.92 -5.61
C VAL B 284 34.73 -19.42 -6.91
N THR B 285 33.44 -19.71 -6.86
CA THR B 285 32.60 -19.83 -8.07
C THR B 285 31.50 -18.74 -8.08
N VAL B 286 31.34 -18.14 -9.26
CA VAL B 286 30.46 -17.01 -9.48
C VAL B 286 29.36 -17.53 -10.37
N LYS B 287 28.12 -17.50 -9.85
CA LYS B 287 26.94 -18.05 -10.52
C LYS B 287 25.86 -17.00 -10.76
N GLY B 288 25.13 -17.16 -11.86
CA GLY B 288 23.93 -16.35 -12.18
C GLY B 288 24.16 -14.85 -12.30
N ALA B 289 25.14 -14.48 -13.13
CA ALA B 289 25.64 -13.11 -13.21
C ALA B 289 25.40 -12.43 -14.55
N ASN B 290 24.48 -12.96 -15.35
CA ASN B 290 24.20 -12.38 -16.66
C ASN B 290 23.01 -11.36 -16.65
N ALA B 291 22.35 -11.20 -15.50
CA ALA B 291 21.25 -10.27 -15.37
C ALA B 291 21.09 -9.88 -13.93
N GLY B 292 20.14 -9.00 -13.66
CA GLY B 292 19.85 -8.57 -12.29
C GLY B 292 20.90 -7.66 -11.68
N LEU B 293 20.84 -7.47 -10.37
CA LEU B 293 21.79 -6.62 -9.66
C LEU B 293 22.41 -7.39 -8.47
N HIS B 294 22.50 -8.70 -8.63
CA HIS B 294 23.19 -9.56 -7.70
C HIS B 294 23.66 -10.75 -8.44
N PHE B 295 24.66 -11.41 -7.86
CA PHE B 295 25.03 -12.79 -8.27
C PHE B 295 25.34 -13.62 -7.01
N VAL B 296 25.58 -14.91 -7.24
CA VAL B 296 25.96 -15.82 -6.17
C VAL B 296 27.49 -16.03 -6.20
N THR B 297 28.11 -16.04 -5.01
CA THR B 297 29.47 -16.59 -4.82
C THR B 297 29.45 -17.86 -3.97
N GLU B 298 29.90 -18.98 -4.53
CA GLU B 298 30.13 -20.23 -3.78
C GLU B 298 31.62 -20.36 -3.45
N PHE B 299 31.94 -20.54 -2.17
CA PHE B 299 33.34 -20.62 -1.73
C PHE B 299 33.85 -22.01 -1.31
N ASP B 300 35.11 -22.32 -1.64
CA ASP B 300 35.78 -23.55 -1.19
C ASP B 300 36.35 -23.31 0.21
N THR B 301 35.70 -23.90 1.22
CA THR B 301 36.05 -23.68 2.62
C THR B 301 35.32 -24.62 3.57
N ARG B 302 35.93 -24.80 4.74
CA ARG B 302 35.34 -25.50 5.87
C ARG B 302 34.24 -24.66 6.53
N ARG B 303 34.51 -23.36 6.72
CA ARG B 303 33.72 -22.52 7.63
C ARG B 303 32.24 -22.57 7.31
N THR B 304 31.42 -22.62 8.35
CA THR B 304 29.98 -22.59 8.18
C THR B 304 29.59 -21.21 7.66
N GLU B 305 28.64 -21.19 6.72
CA GLU B 305 28.05 -19.94 6.23
C GLU B 305 27.84 -18.99 7.40
N GLN B 306 27.06 -19.43 8.40
CA GLN B 306 26.68 -18.59 9.55
C GLN B 306 27.86 -17.85 10.21
N ASP B 307 29.05 -18.46 10.20
CA ASP B 307 30.27 -17.85 10.76
C ASP B 307 30.90 -16.80 9.85
N ILE B 308 30.98 -17.11 8.55
CA ILE B 308 31.36 -16.11 7.53
C ILE B 308 30.50 -14.84 7.66
N LEU B 309 29.19 -14.98 7.89
CA LEU B 309 28.33 -13.81 8.15
C LEU B 309 28.78 -13.03 9.41
N SER B 310 29.04 -13.76 10.51
CA SER B 310 29.48 -13.08 11.75
CA SER B 310 29.52 -13.17 11.78
C SER B 310 30.86 -12.46 11.59
N HIS B 311 31.76 -13.10 10.82
CA HIS B 311 33.06 -12.51 10.56
C HIS B 311 32.94 -11.30 9.66
N ALA B 312 32.24 -11.46 8.53
CA ALA B 312 31.90 -10.32 7.64
C ALA B 312 31.29 -9.14 8.42
N ALA B 313 30.33 -9.44 9.28
CA ALA B 313 29.75 -8.43 10.17
C ALA B 313 30.83 -7.78 11.02
N GLY B 314 31.76 -8.60 11.54
CA GLY B 314 32.89 -8.14 12.35
C GLY B 314 33.79 -7.16 11.62
N LEU B 315 34.01 -7.42 10.33
CA LEU B 315 34.80 -6.55 9.44
C LEU B 315 34.00 -5.42 8.75
N GLN B 316 32.82 -5.09 9.30
CA GLN B 316 31.91 -4.08 8.75
C GLN B 316 31.64 -4.29 7.24
N LEU B 317 31.08 -5.47 6.94
CA LEU B 317 30.66 -5.86 5.58
C LEU B 317 29.24 -6.43 5.61
N GLU B 318 28.28 -5.70 5.08
CA GLU B 318 26.91 -6.16 5.07
C GLU B 318 26.81 -7.16 3.94
N ILE B 319 26.28 -8.33 4.26
CA ILE B 319 26.28 -9.45 3.35
C ILE B 319 25.26 -10.53 3.82
N PHE B 320 24.76 -11.35 2.90
CA PHE B 320 23.70 -12.30 3.23
C PHE B 320 24.00 -13.65 2.58
N GLY B 321 23.62 -14.71 3.27
CA GLY B 321 23.86 -16.08 2.79
C GLY B 321 22.68 -16.64 2.02
N MET B 322 22.92 -17.68 1.25
CA MET B 322 21.86 -18.24 0.44
C MET B 322 20.82 -18.95 1.27
N SER B 323 21.20 -19.47 2.43
CA SER B 323 20.22 -20.17 3.28
C SER B 323 18.92 -19.34 3.51
N ARG B 324 19.03 -18.03 3.71
CA ARG B 324 17.90 -17.08 3.66
C ARG B 324 16.78 -17.39 2.69
N PHE B 325 17.12 -17.93 1.52
CA PHE B 325 16.14 -18.19 0.46
C PHE B 325 15.64 -19.63 0.41
N ASN B 326 15.96 -20.43 1.41
CA ASN B 326 15.40 -21.79 1.51
C ASN B 326 13.95 -21.68 1.93
N LEU B 327 13.07 -22.34 1.21
CA LEU B 327 11.67 -22.33 1.60
C LEU B 327 11.45 -23.50 2.54
N LYS B 328 11.76 -24.70 2.08
CA LYS B 328 11.90 -25.90 2.94
C LYS B 328 13.10 -26.76 2.52
N THR B 334 25.53 -29.85 3.66
CA THR B 334 26.17 -29.66 2.37
C THR B 334 27.25 -28.58 2.50
N GLY B 335 28.52 -29.01 2.51
CA GLY B 335 29.65 -28.14 2.90
C GLY B 335 30.31 -27.27 1.83
N ARG B 336 29.48 -26.53 1.07
CA ARG B 336 29.94 -25.46 0.15
C ARG B 336 29.06 -24.23 0.37
N PRO B 337 29.43 -23.34 1.32
CA PRO B 337 28.54 -22.23 1.65
C PRO B 337 28.58 -21.16 0.57
N THR B 338 27.40 -20.61 0.27
CA THR B 338 27.21 -19.59 -0.76
C THR B 338 26.71 -18.29 -0.14
N LEU B 339 27.07 -17.17 -0.77
CA LEU B 339 26.62 -15.82 -0.39
C LEU B 339 25.99 -15.14 -1.57
N ILE B 340 25.15 -14.14 -1.26
CA ILE B 340 24.53 -13.32 -2.27
CA ILE B 340 24.53 -13.28 -2.28
C ILE B 340 25.32 -12.01 -2.32
N ILE B 341 25.67 -11.58 -3.53
CA ILE B 341 26.47 -10.39 -3.68
C ILE B 341 25.66 -9.43 -4.52
N GLY B 342 25.11 -8.43 -3.83
CA GLY B 342 24.36 -7.37 -4.45
C GLY B 342 25.31 -6.23 -4.76
N PHE B 343 25.35 -5.84 -6.03
CA PHE B 343 26.27 -4.82 -6.53
C PHE B 343 25.51 -3.53 -6.90
N ALA B 344 24.44 -3.20 -6.18
CA ALA B 344 23.68 -2.00 -6.48
C ALA B 344 24.18 -0.80 -5.68
N ARG B 345 24.19 -0.87 -4.35
CA ARG B 345 24.62 0.26 -3.52
CA ARG B 345 24.63 0.27 -3.52
C ARG B 345 26.14 0.45 -3.59
N LEU B 346 26.88 -0.64 -3.45
CA LEU B 346 28.34 -0.68 -3.58
C LEU B 346 29.00 0.40 -4.49
N LYS B 347 29.79 1.30 -3.88
CA LYS B 347 30.59 2.27 -4.62
C LYS B 347 31.87 1.61 -5.16
N GLU B 348 32.33 2.04 -6.33
CA GLU B 348 33.54 1.49 -6.95
C GLU B 348 34.84 1.62 -6.08
N GLU B 349 34.98 2.71 -5.33
CA GLU B 349 36.11 2.85 -4.41
C GLU B 349 36.17 1.68 -3.40
N ASP B 350 35.01 1.28 -2.89
CA ASP B 350 34.89 0.11 -2.01
C ASP B 350 35.10 -1.29 -2.66
N ILE B 351 35.28 -1.42 -3.97
CA ILE B 351 35.33 -2.78 -4.56
C ILE B 351 36.52 -3.59 -3.99
N GLN B 352 37.74 -3.25 -4.41
CA GLN B 352 39.00 -3.74 -3.80
C GLN B 352 38.86 -4.04 -2.30
N GLU B 353 38.53 -3.02 -1.48
CA GLU B 353 38.43 -3.19 -0.01
C GLU B 353 37.35 -4.20 0.37
N GLY B 354 36.23 -4.19 -0.36
CA GLY B 354 35.17 -5.14 -0.12
C GLY B 354 35.63 -6.57 -0.39
N VAL B 355 36.23 -6.78 -1.57
CA VAL B 355 36.77 -8.09 -1.97
C VAL B 355 37.90 -8.54 -1.03
N GLN B 356 38.59 -7.59 -0.36
CA GLN B 356 39.50 -7.95 0.74
C GLN B 356 38.72 -8.40 1.95
N ARG B 357 37.84 -7.56 2.46
CA ARG B 357 37.07 -7.91 3.67
C ARG B 357 36.39 -9.31 3.58
N LEU B 358 35.96 -9.68 2.39
CA LEU B 358 35.27 -10.94 2.20
C LEU B 358 36.24 -12.10 2.29
N PHE B 359 37.40 -11.98 1.63
CA PHE B 359 38.51 -12.95 1.79
C PHE B 359 38.93 -13.17 3.26
N LYS B 360 39.02 -12.10 4.06
CA LYS B 360 39.26 -12.25 5.49
C LYS B 360 38.07 -12.90 6.22
N ALA B 361 36.84 -12.59 5.82
CA ALA B 361 35.63 -13.18 6.44
C ALA B 361 35.51 -14.67 6.17
N VAL B 362 35.82 -15.08 4.94
CA VAL B 362 35.79 -16.48 4.55
C VAL B 362 36.90 -17.33 5.22
N TYR B 363 38.01 -16.71 5.66
CA TYR B 363 39.19 -17.44 6.24
C TYR B 363 39.61 -17.05 7.69
N GLY B 364 40.27 -15.90 7.88
CA GLY B 364 40.61 -15.40 9.23
C GLY B 364 41.80 -16.14 9.85
S SO4 C . -27.16 4.93 27.65
O1 SO4 C . -26.91 5.06 29.12
O2 SO4 C . -26.93 3.53 27.21
O3 SO4 C . -28.54 5.32 27.27
O4 SO4 C . -26.23 5.83 26.92
S SO4 D . 11.97 -0.03 15.72
O1 SO4 D . 12.72 0.81 16.68
O2 SO4 D . 12.63 -1.35 15.55
O3 SO4 D . 10.59 -0.18 16.25
O4 SO4 D . 11.85 0.65 14.40
S SO4 E . -13.89 29.33 -1.86
O1 SO4 E . -12.71 29.93 -1.19
O2 SO4 E . -14.37 28.11 -1.15
O3 SO4 E . -14.99 30.33 -1.87
O4 SO4 E . -13.55 29.00 -3.27
N1 QL4 F . -13.48 6.74 3.20
C2 QL4 F . -13.66 8.60 1.67
C3 QL4 F . -13.84 5.98 6.01
C4 QL4 F . -11.86 10.29 1.61
C5 QL4 F . -10.53 10.54 1.94
C6 QL4 F . -9.99 11.80 1.72
C1 QL4 F . -13.53 7.10 1.79
O1 QL4 F . -12.33 9.04 1.86
C7 QL4 F . -10.78 12.82 1.17
C8 QL4 F . -12.11 12.57 0.84
C9 QL4 F . -12.64 11.31 1.06
C16 QL4 F . -14.69 6.34 1.12
C17 QL4 F . -16.09 6.61 1.68
C18 QL4 F . -17.10 5.75 0.95
O19 QL4 F . -16.94 4.51 0.91
O21 QL4 F . -18.09 6.29 0.42
O3P QL4 F . -7.60 5.01 2.78
P QL4 F . -8.01 5.87 3.96
O1P QL4 F . -7.09 5.65 5.14
O2P QL4 F . -8.09 7.33 3.61
O4P QL4 F . -9.50 5.49 4.43
C5A QL4 F . -9.94 6.22 5.56
C51 QL4 F . -11.32 5.92 6.09
C61 QL4 F . -11.42 5.36 7.37
N11 QL4 F . -12.61 5.11 7.93
C41 QL4 F . -12.54 6.31 5.33
C4A QL4 F . -12.45 6.83 3.94
O3 QL4 F . -15.06 6.25 5.45
C21 QL4 F . -13.80 5.37 7.35
C2A QL4 F . -15.07 5.04 8.11
S SO4 G . 14.53 -30.09 -20.93
O1 SO4 G . 15.93 -30.25 -20.45
O2 SO4 G . 13.54 -30.13 -19.82
O3 SO4 G . 14.23 -31.21 -21.85
O4 SO4 G . 14.41 -28.80 -21.68
S SO4 H . -8.59 -22.59 -19.21
O1 SO4 H . -7.45 -21.65 -19.13
O2 SO4 H . -8.08 -23.88 -19.80
O3 SO4 H . -9.66 -22.00 -20.06
O4 SO4 H . -9.17 -22.76 -17.85
S SO4 I . 30.59 4.89 -7.94
O1 SO4 I . 31.65 5.33 -7.00
O2 SO4 I . 30.93 3.58 -8.55
O3 SO4 I . 29.30 4.78 -7.21
O4 SO4 I . 30.43 5.86 -9.06
N1 QL4 J . 12.86 -7.90 -2.71
C2 QL4 J . 14.46 -6.16 -2.19
C3 QL4 J . 11.99 -9.69 -4.76
C4 QL4 J . 14.75 -4.10 -3.37
C5 QL4 J . 16.15 -4.19 -3.28
C6 QL4 J . 16.96 -3.16 -3.75
C1 QL4 J . 13.48 -7.15 -1.62
O1 QL4 J . 13.89 -5.08 -2.90
C7 QL4 J . 16.37 -2.05 -4.33
C8 QL4 J . 14.98 -1.95 -4.43
C9 QL4 J . 14.18 -2.97 -3.96
C16 QL4 J . 14.38 -8.10 -0.83
C17 QL4 J . 13.68 -9.40 -0.51
C18 QL4 J . 14.44 -10.16 0.53
O19 QL4 J . 15.49 -10.77 0.20
O21 QL4 J . 13.99 -10.16 1.69
O3P QL4 J . 7.54 -4.87 -3.12
P QL4 J . 8.38 -4.73 -4.40
O1P QL4 J . 7.47 -4.73 -5.61
O2P QL4 J . 9.15 -3.46 -4.46
O4P QL4 J . 9.57 -5.81 -4.52
C5A QL4 J . 9.21 -6.94 -5.26
C51 QL4 J . 10.12 -8.14 -5.30
C61 QL4 J . 9.66 -9.08 -6.23
N11 QL4 J . 10.29 -10.21 -6.45
C41 QL4 J . 11.33 -8.40 -4.47
C4A QL4 J . 11.89 -7.51 -3.41
O3 QL4 J . 13.11 -10.08 -4.10
C21 QL4 J . 11.41 -10.58 -5.79
C2A QL4 J . 12.03 -11.92 -6.13
#